data_3S3W
#
_entry.id   3S3W
#
_cell.length_a   110.469
_cell.length_b   142.689
_cell.length_c   159.736
_cell.angle_alpha   90.00
_cell.angle_beta   90.00
_cell.angle_gamma   90.00
#
_symmetry.space_group_name_H-M   'P 21 21 21'
#
loop_
_entity.id
_entity.type
_entity.pdbx_description
1 polymer 'Amiloride-sensitive cation channel 2, neuronal'
2 branched 2-acetamido-2-deoxy-beta-D-glucopyranose-(1-4)-2-acetamido-2-deoxy-beta-D-glucopyranose
3 non-polymer 2-acetamido-2-deoxy-beta-D-glucopyranose
4 non-polymer 'CHLORIDE ION'
5 water water
#
_entity_poly.entity_id   1
_entity_poly.type   'polypeptide(L)'
_entity_poly.pdbx_seq_one_letter_code
;MSYYHHHHHHGASLVPRGSHMSTLHGISHIFSYERLSLKRVVWALCFMGSLALLALVCTNRIQYYFLYPHVTKLDEVAAT
RLTFPAVTFCNLNEFRFSRVTKNDLYHAGELLALLNNRYEIPDTQTADEKQLEILQDKANFRNFKPKPFNMLEFYDRAGH
DIREMLLSCFFRGEQCSPEDFKVVFTRYGKCYTFNAGQDGKPRLITMKGGTGNGLEIMLDIQQDEYLPVWGETDETSFEA
GIKVQIHSQDEPPLIDQLGFGVAPGFQTFVSCQEQRLIYLPPPWGDCKATTGDSEFYDTYSITACRIDCETRYLVENCNC
RMVHMPGDAPYCTPEQYKECADPALDFLVEKDNEYCVCEMPCNVTRYGKELSMVKIPSKASAKYLAKKYNKSEQYIGENI
LVLDIFFEALNYETIEQKKAYEVAGLLGDIGGQMGLFIGASILTVLELFDYAYEVIKHR
;
_entity_poly.pdbx_strand_id   A,B,C
#
loop_
_chem_comp.id
_chem_comp.type
_chem_comp.name
_chem_comp.formula
CL non-polymer 'CHLORIDE ION' 'Cl -1'
NAG D-saccharide, beta linking 2-acetamido-2-deoxy-beta-D-glucopyranose 'C8 H15 N O6'
#
# COMPACT_ATOMS: atom_id res chain seq x y z
N ALA A 44 -28.47 58.03 -32.22
CA ALA A 44 -28.79 57.88 -30.80
C ALA A 44 -29.29 56.47 -30.49
N LEU A 45 -29.60 55.72 -31.54
CA LEU A 45 -30.02 54.33 -31.39
C LEU A 45 -28.84 53.47 -30.98
N CYS A 46 -27.64 53.90 -31.37
CA CYS A 46 -26.41 53.17 -31.06
C CYS A 46 -26.13 53.10 -29.57
N PHE A 47 -26.75 54.00 -28.80
CA PHE A 47 -26.56 54.02 -27.36
C PHE A 47 -27.36 52.91 -26.67
N MET A 48 -28.58 52.71 -27.11
CA MET A 48 -29.42 51.64 -26.57
C MET A 48 -29.01 50.30 -27.15
N GLY A 49 -27.86 50.28 -27.82
CA GLY A 49 -27.27 49.07 -28.33
C GLY A 49 -26.11 48.64 -27.45
N SER A 50 -25.29 49.62 -27.07
CA SER A 50 -24.18 49.38 -26.15
C SER A 50 -24.71 48.83 -24.84
N LEU A 51 -25.86 49.34 -24.42
CA LEU A 51 -26.51 48.86 -23.21
C LEU A 51 -27.06 47.45 -23.45
N ALA A 52 -27.50 47.21 -24.68
CA ALA A 52 -28.04 45.90 -25.07
C ALA A 52 -26.93 44.89 -25.34
N LEU A 53 -25.69 45.36 -25.35
CA LEU A 53 -24.54 44.47 -25.48
C LEU A 53 -23.85 44.26 -24.14
N LEU A 54 -23.78 45.32 -23.35
CA LEU A 54 -23.26 45.22 -21.99
C LEU A 54 -24.21 44.37 -21.15
N ALA A 55 -25.50 44.46 -21.48
CA ALA A 55 -26.51 43.67 -20.79
C ALA A 55 -26.29 42.17 -21.03
N LEU A 56 -26.04 41.81 -22.28
CA LEU A 56 -25.91 40.40 -22.66
C LEU A 56 -24.57 39.77 -22.28
N VAL A 57 -23.57 40.60 -22.05
CA VAL A 57 -22.27 40.09 -21.61
C VAL A 57 -22.26 39.90 -20.09
N CYS A 58 -23.12 40.64 -19.40
CA CYS A 58 -23.29 40.49 -17.97
C CYS A 58 -24.07 39.21 -17.65
N THR A 59 -25.16 38.99 -18.37
CA THR A 59 -26.06 37.86 -18.11
C THR A 59 -25.36 36.50 -18.07
N ASN A 60 -24.70 36.13 -19.17
CA ASN A 60 -24.01 34.85 -19.24
C ASN A 60 -22.94 34.71 -18.17
N ARG A 61 -22.21 35.80 -17.94
CA ARG A 61 -21.16 35.82 -16.93
C ARG A 61 -21.73 35.64 -15.52
N ILE A 62 -22.84 36.31 -15.24
CA ILE A 62 -23.51 36.20 -13.94
C ILE A 62 -23.93 34.76 -13.66
N GLN A 63 -24.48 34.10 -14.68
CA GLN A 63 -24.96 32.73 -14.54
C GLN A 63 -23.84 31.78 -14.13
N TYR A 64 -22.67 31.93 -14.75
CA TYR A 64 -21.55 31.05 -14.45
C TYR A 64 -21.09 31.25 -13.01
N TYR A 65 -21.04 32.49 -12.57
CA TYR A 65 -20.73 32.80 -11.17
C TYR A 65 -21.69 32.07 -10.24
N PHE A 66 -22.89 31.82 -10.74
CA PHE A 66 -23.94 31.22 -9.92
C PHE A 66 -23.89 29.69 -9.86
N LEU A 67 -23.23 29.04 -10.81
CA LEU A 67 -23.05 27.61 -10.69
C LEU A 67 -21.98 27.33 -9.64
N TYR A 68 -21.24 28.37 -9.29
CA TYR A 68 -20.16 28.27 -8.31
C TYR A 68 -19.29 27.04 -8.55
N PRO A 69 -18.63 27.00 -9.72
CA PRO A 69 -17.78 25.86 -10.09
C PRO A 69 -16.46 25.91 -9.34
N HIS A 70 -15.76 24.78 -9.31
CA HIS A 70 -14.47 24.71 -8.64
C HIS A 70 -13.50 23.88 -9.47
N VAL A 71 -12.21 24.03 -9.19
CA VAL A 71 -11.20 23.17 -9.78
C VAL A 71 -10.38 22.57 -8.65
N THR A 72 -9.84 21.38 -8.86
CA THR A 72 -9.06 20.72 -7.84
C THR A 72 -7.59 20.65 -8.25
N LYS A 73 -6.77 21.46 -7.61
CA LYS A 73 -5.35 21.51 -7.93
C LYS A 73 -4.57 20.41 -7.22
N LEU A 74 -3.89 19.59 -8.02
CA LEU A 74 -3.10 18.47 -7.49
C LEU A 74 -1.61 18.75 -7.65
N ASP A 75 -0.83 18.40 -6.64
CA ASP A 75 0.62 18.50 -6.74
C ASP A 75 1.32 17.54 -5.78
N GLU A 76 2.42 16.96 -6.24
CA GLU A 76 3.15 15.95 -5.49
C GLU A 76 4.63 16.29 -5.49
N VAL A 77 5.15 16.66 -4.33
CA VAL A 77 6.53 17.16 -4.25
C VAL A 77 7.30 16.58 -3.07
N ALA A 78 8.59 16.85 -3.05
CA ALA A 78 9.42 16.54 -1.90
C ALA A 78 9.51 17.77 -1.02
N ALA A 79 8.66 17.82 0.00
CA ALA A 79 8.66 18.95 0.93
C ALA A 79 9.86 18.89 1.86
N THR A 80 10.35 20.05 2.25
CA THR A 80 11.35 20.14 3.30
C THR A 80 10.65 20.42 4.62
N ARG A 81 11.31 20.08 5.72
CA ARG A 81 10.73 20.30 7.05
C ARG A 81 9.29 19.81 7.13
N LEU A 82 9.08 18.56 6.74
CA LEU A 82 7.76 17.94 6.88
C LEU A 82 7.51 17.63 8.35
N THR A 83 6.31 17.95 8.82
CA THR A 83 5.94 17.70 10.21
C THR A 83 5.58 16.24 10.42
N PHE A 84 6.36 15.56 11.25
CA PHE A 84 6.12 14.14 11.52
C PHE A 84 4.80 13.96 12.25
N PRO A 85 4.04 12.93 11.83
CA PRO A 85 2.70 12.70 12.37
C PRO A 85 2.75 12.11 13.78
N ALA A 86 1.57 11.93 14.39
CA ALA A 86 1.47 11.23 15.65
C ALA A 86 1.28 9.75 15.37
N VAL A 87 1.88 8.91 16.20
CA VAL A 87 1.76 7.46 16.05
C VAL A 87 1.18 6.83 17.30
N THR A 88 -0.04 6.32 17.19
CA THR A 88 -0.71 5.68 18.31
C THR A 88 -0.71 4.16 18.12
N PHE A 89 -0.47 3.42 19.20
CA PHE A 89 -0.53 1.96 19.12
C PHE A 89 -1.13 1.33 20.37
N CYS A 90 -1.76 0.17 20.18
CA CYS A 90 -2.36 -0.58 21.27
C CYS A 90 -1.92 -2.02 21.21
N ASN A 91 -1.76 -2.65 22.37
CA ASN A 91 -1.58 -4.09 22.42
C ASN A 91 -2.96 -4.72 22.23
N LEU A 92 -3.05 -5.73 21.37
CA LEU A 92 -4.33 -6.37 21.09
C LEU A 92 -4.94 -6.99 22.35
N ASN A 93 -4.08 -7.26 23.33
CA ASN A 93 -4.54 -7.75 24.63
C ASN A 93 -4.79 -6.58 25.59
N GLU A 94 -5.97 -6.54 26.19
CA GLU A 94 -6.38 -5.37 26.97
C GLU A 94 -6.01 -5.40 28.45
N PHE A 95 -5.91 -6.60 29.04
CA PHE A 95 -5.60 -6.71 30.46
C PHE A 95 -4.50 -7.74 30.73
N ARG A 96 -3.46 -7.32 31.43
CA ARG A 96 -2.40 -8.24 31.82
C ARG A 96 -2.91 -9.22 32.87
N PHE A 97 -2.82 -10.51 32.53
CA PHE A 97 -3.32 -11.57 33.39
C PHE A 97 -2.85 -11.45 34.83
N SER A 98 -1.59 -11.09 35.02
CA SER A 98 -1.00 -11.01 36.36
C SER A 98 -1.48 -9.80 37.16
N ARG A 99 -2.13 -8.84 36.52
CA ARG A 99 -2.62 -7.66 37.23
C ARG A 99 -4.11 -7.77 37.61
N VAL A 100 -4.79 -8.80 37.12
CA VAL A 100 -6.19 -8.99 37.44
C VAL A 100 -6.33 -9.49 38.87
N THR A 101 -6.94 -8.67 39.73
CA THR A 101 -7.09 -9.04 41.13
C THR A 101 -8.41 -9.76 41.38
N LYS A 102 -8.58 -10.27 42.60
CA LYS A 102 -9.81 -10.95 42.98
C LYS A 102 -11.00 -10.01 42.80
N ASN A 103 -10.82 -8.76 43.19
CA ASN A 103 -11.88 -7.76 43.06
C ASN A 103 -12.17 -7.45 41.59
N ASP A 104 -11.11 -7.38 40.78
CA ASP A 104 -11.26 -7.16 39.35
C ASP A 104 -12.09 -8.29 38.74
N LEU A 105 -11.71 -9.52 39.02
CA LEU A 105 -12.40 -10.68 38.48
C LEU A 105 -13.86 -10.68 38.89
N TYR A 106 -14.12 -10.23 40.12
CA TYR A 106 -15.48 -10.22 40.65
C TYR A 106 -16.40 -9.29 39.87
N HIS A 107 -15.86 -8.14 39.46
CA HIS A 107 -16.66 -7.13 38.76
C HIS A 107 -16.66 -7.31 37.24
N ALA A 108 -15.48 -7.54 36.67
CA ALA A 108 -15.34 -7.62 35.22
C ALA A 108 -15.28 -9.07 34.72
N GLY A 109 -15.46 -10.01 35.64
CA GLY A 109 -15.37 -11.43 35.30
C GLY A 109 -16.28 -11.85 34.17
N GLU A 110 -17.57 -11.58 34.30
CA GLU A 110 -18.54 -11.98 33.29
C GLU A 110 -18.28 -11.25 31.97
N LEU A 111 -17.85 -9.99 32.06
CA LEU A 111 -17.57 -9.20 30.86
C LEU A 111 -16.43 -9.81 30.05
N LEU A 112 -15.43 -10.35 30.76
CA LEU A 112 -14.25 -10.91 30.12
C LEU A 112 -14.41 -12.40 29.81
N ALA A 113 -15.61 -12.92 30.07
CA ALA A 113 -15.92 -14.32 29.79
C ALA A 113 -15.16 -15.29 30.69
N LEU A 114 -14.61 -14.77 31.78
CA LEU A 114 -13.89 -15.60 32.74
C LEU A 114 -14.83 -16.15 33.82
N LEU A 115 -16.02 -15.58 33.89
CA LEU A 115 -17.04 -16.03 34.84
C LEU A 115 -18.41 -16.06 34.19
N ASN A 116 -19.31 -16.89 34.73
CA ASN A 116 -20.69 -16.90 34.27
C ASN A 116 -21.54 -15.92 35.07
N ASN A 117 -22.84 -15.95 34.86
CA ASN A 117 -23.73 -15.00 35.52
C ASN A 117 -23.93 -15.26 37.01
N ARG A 118 -23.28 -16.31 37.52
CA ARG A 118 -23.37 -16.64 38.94
C ARG A 118 -21.99 -16.66 39.59
N TYR A 119 -21.08 -15.86 39.06
CA TYR A 119 -19.76 -15.65 39.66
C TYR A 119 -18.93 -16.93 39.79
N GLU A 120 -19.22 -17.92 38.96
CA GLU A 120 -18.46 -19.16 38.95
C GLU A 120 -17.62 -19.25 37.68
N ILE A 121 -16.48 -19.94 37.78
CA ILE A 121 -15.67 -20.22 36.60
C ILE A 121 -16.46 -21.13 35.67
N PRO A 122 -16.63 -20.69 34.42
CA PRO A 122 -17.50 -21.32 33.42
C PRO A 122 -17.22 -22.81 33.25
N ASP A 123 -18.26 -23.55 32.92
CA ASP A 123 -18.16 -24.97 32.63
C ASP A 123 -17.31 -25.18 31.37
N THR A 124 -17.45 -24.25 30.42
CA THR A 124 -16.86 -24.39 29.10
C THR A 124 -15.48 -23.74 28.96
N GLN A 125 -14.76 -23.58 30.07
CA GLN A 125 -13.44 -22.96 30.03
C GLN A 125 -12.44 -23.83 29.27
N THR A 126 -11.55 -23.18 28.52
CA THR A 126 -10.54 -23.88 27.74
C THR A 126 -9.15 -23.35 28.07
N ALA A 127 -8.73 -23.54 29.31
CA ALA A 127 -7.45 -23.04 29.76
C ALA A 127 -6.46 -24.15 30.06
N ASP A 128 -5.16 -23.81 30.02
CA ASP A 128 -4.14 -24.74 30.44
C ASP A 128 -4.26 -24.90 31.95
N GLU A 129 -3.84 -26.05 32.47
CA GLU A 129 -4.07 -26.37 33.87
C GLU A 129 -3.47 -25.35 34.86
N LYS A 130 -2.29 -24.82 34.55
CA LYS A 130 -1.65 -23.87 35.45
C LYS A 130 -2.47 -22.59 35.59
N GLN A 131 -2.94 -22.06 34.47
CA GLN A 131 -3.75 -20.84 34.47
C GLN A 131 -5.13 -21.09 35.08
N LEU A 132 -5.73 -22.22 34.76
CA LEU A 132 -7.01 -22.58 35.35
C LEU A 132 -6.89 -22.61 36.87
N GLU A 133 -5.79 -23.17 37.35
CA GLU A 133 -5.56 -23.30 38.79
C GLU A 133 -5.33 -21.92 39.44
N ILE A 134 -4.73 -21.00 38.70
CA ILE A 134 -4.54 -19.64 39.20
C ILE A 134 -5.88 -18.91 39.27
N LEU A 135 -6.73 -19.12 38.28
CA LEU A 135 -8.02 -18.46 38.22
C LEU A 135 -9.03 -19.03 39.21
N GLN A 136 -9.04 -20.34 39.38
CA GLN A 136 -9.95 -20.98 40.34
C GLN A 136 -9.70 -20.43 41.74
N ASP A 137 -8.44 -20.07 41.99
CA ASP A 137 -8.05 -19.50 43.28
C ASP A 137 -8.54 -18.05 43.37
N LYS A 138 -8.34 -17.30 42.29
CA LYS A 138 -8.82 -15.93 42.23
C LYS A 138 -10.34 -15.87 42.34
N ALA A 139 -11.02 -16.83 41.71
CA ALA A 139 -12.48 -16.83 41.65
C ALA A 139 -13.11 -17.36 42.94
N ASN A 140 -12.30 -17.66 43.93
CA ASN A 140 -12.80 -18.08 45.24
C ASN A 140 -13.32 -16.88 46.03
N PHE A 141 -14.64 -16.71 46.05
CA PHE A 141 -15.24 -15.53 46.65
C PHE A 141 -15.85 -15.77 48.03
N ARG A 142 -15.55 -16.92 48.63
CA ARG A 142 -16.02 -17.19 49.98
C ARG A 142 -15.47 -16.14 50.94
N ASN A 143 -16.36 -15.55 51.73
CA ASN A 143 -15.97 -14.51 52.69
C ASN A 143 -15.39 -13.27 52.01
N PHE A 144 -15.68 -13.09 50.73
CA PHE A 144 -15.14 -11.96 49.99
C PHE A 144 -16.08 -10.76 49.98
N LYS A 145 -15.57 -9.62 50.44
CA LYS A 145 -16.34 -8.38 50.44
C LYS A 145 -15.88 -7.50 49.28
N PRO A 146 -16.74 -7.31 48.27
CA PRO A 146 -16.41 -6.51 47.09
C PRO A 146 -16.06 -5.07 47.44
N LYS A 147 -15.16 -4.47 46.67
CA LYS A 147 -14.71 -3.11 46.92
C LYS A 147 -14.86 -2.28 45.66
N PRO A 148 -15.09 -0.96 45.80
CA PRO A 148 -15.38 -0.10 44.65
C PRO A 148 -14.50 -0.41 43.45
N PHE A 149 -15.11 -0.52 42.27
CA PHE A 149 -14.41 -0.85 41.05
C PHE A 149 -14.83 0.10 39.92
N ASN A 150 -13.90 0.43 39.04
CA ASN A 150 -14.25 1.14 37.82
C ASN A 150 -13.31 0.83 36.66
N MET A 151 -13.88 0.77 35.47
CA MET A 151 -13.17 0.29 34.29
C MET A 151 -11.94 1.10 33.92
N LEU A 152 -11.98 2.41 34.13
CA LEU A 152 -10.85 3.26 33.79
C LEU A 152 -9.64 2.90 34.66
N GLU A 153 -9.85 2.80 35.96
CA GLU A 153 -8.80 2.41 36.89
C GLU A 153 -8.26 1.03 36.50
N PHE A 154 -9.18 0.13 36.13
CA PHE A 154 -8.83 -1.22 35.73
C PHE A 154 -7.91 -1.21 34.50
N TYR A 155 -8.32 -0.46 33.47
CA TYR A 155 -7.50 -0.32 32.28
C TYR A 155 -6.13 0.28 32.60
N ASP A 156 -6.13 1.36 33.37
CA ASP A 156 -4.90 2.08 33.67
C ASP A 156 -3.92 1.22 34.47
N ARG A 157 -4.43 0.34 35.31
CA ARG A 157 -3.59 -0.47 36.18
C ARG A 157 -3.21 -1.82 35.57
N ALA A 158 -4.11 -2.41 34.79
CA ALA A 158 -3.90 -3.74 34.26
C ALA A 158 -3.44 -3.74 32.81
N GLY A 159 -3.68 -2.64 32.11
CA GLY A 159 -3.26 -2.51 30.73
C GLY A 159 -1.76 -2.64 30.61
N HIS A 160 -1.29 -3.05 29.43
CA HIS A 160 0.14 -3.21 29.21
C HIS A 160 0.90 -1.92 29.44
N ASP A 161 2.06 -2.04 30.08
CA ASP A 161 2.89 -0.89 30.44
C ASP A 161 3.92 -0.58 29.37
N ILE A 162 3.87 0.62 28.81
CA ILE A 162 4.84 1.04 27.80
C ILE A 162 6.27 0.84 28.31
N ARG A 163 6.45 1.01 29.62
CA ARG A 163 7.76 0.83 30.23
C ARG A 163 8.27 -0.60 30.11
N GLU A 164 7.34 -1.55 29.94
CA GLU A 164 7.71 -2.95 29.77
C GLU A 164 7.74 -3.37 28.31
N MET A 165 6.82 -2.82 27.52
CA MET A 165 6.71 -3.17 26.10
C MET A 165 7.85 -2.58 25.26
N LEU A 166 8.25 -1.37 25.60
CA LEU A 166 9.24 -0.64 24.80
C LEU A 166 10.66 -1.11 25.08
N LEU A 167 11.22 -1.90 24.18
CA LEU A 167 12.58 -2.41 24.34
C LEU A 167 13.61 -1.40 23.86
N SER A 168 13.32 -0.74 22.74
CA SER A 168 14.20 0.29 22.20
C SER A 168 13.39 1.25 21.35
N CYS A 169 13.86 2.49 21.26
CA CYS A 169 13.15 3.51 20.49
C CYS A 169 14.12 4.56 19.97
N PHE A 170 14.06 4.81 18.67
CA PHE A 170 14.91 5.82 18.04
C PHE A 170 14.14 6.64 17.02
N PHE A 171 14.31 7.96 17.08
CA PHE A 171 13.77 8.85 16.08
C PHE A 171 14.87 9.74 15.51
N ARG A 172 15.14 9.58 14.22
CA ARG A 172 16.17 10.36 13.55
C ARG A 172 17.48 10.38 14.34
N GLY A 173 17.96 9.18 14.69
CA GLY A 173 19.25 9.05 15.35
C GLY A 173 19.24 9.36 16.83
N GLU A 174 18.12 9.84 17.33
CA GLU A 174 18.00 10.19 18.74
C GLU A 174 17.24 9.11 19.51
N GLN A 175 17.76 8.74 20.68
CA GLN A 175 17.10 7.74 21.51
C GLN A 175 15.89 8.34 22.23
N CYS A 176 14.74 7.72 22.06
CA CYS A 176 13.53 8.14 22.75
C CYS A 176 13.18 7.15 23.86
N SER A 177 12.28 7.53 24.75
CA SER A 177 11.97 6.71 25.93
C SER A 177 10.47 6.65 26.19
N PRO A 178 10.06 5.82 27.17
CA PRO A 178 8.64 5.69 27.52
C PRO A 178 8.00 7.04 27.81
N GLU A 179 8.78 7.97 28.36
CA GLU A 179 8.26 9.30 28.68
C GLU A 179 7.85 10.07 27.43
N ASP A 180 8.39 9.64 26.27
CA ASP A 180 8.07 10.28 25.01
C ASP A 180 6.74 9.79 24.44
N PHE A 181 6.11 8.85 25.13
CA PHE A 181 4.82 8.32 24.73
C PHE A 181 3.73 8.81 25.68
N LYS A 182 2.64 9.32 25.12
CA LYS A 182 1.53 9.79 25.94
C LYS A 182 0.45 8.72 26.06
N VAL A 183 -0.09 8.55 27.27
CA VAL A 183 -1.18 7.61 27.50
C VAL A 183 -2.48 8.14 26.92
N VAL A 184 -3.13 7.31 26.10
CA VAL A 184 -4.44 7.66 25.55
C VAL A 184 -5.36 6.44 25.62
N PHE A 185 -6.53 6.63 26.19
CA PHE A 185 -7.49 5.54 26.33
C PHE A 185 -8.40 5.42 25.12
N THR A 186 -8.44 4.23 24.55
CA THR A 186 -9.26 3.93 23.39
C THR A 186 -10.17 2.75 23.72
N ARG A 187 -10.86 2.23 22.73
CA ARG A 187 -11.71 1.07 22.99
C ARG A 187 -10.86 -0.17 23.27
N TYR A 188 -9.62 -0.17 22.78
CA TYR A 188 -8.68 -1.24 23.09
C TYR A 188 -8.17 -1.11 24.52
N GLY A 189 -8.48 0.02 25.15
CA GLY A 189 -8.04 0.26 26.51
C GLY A 189 -6.89 1.25 26.59
N LYS A 190 -5.82 0.85 27.27
CA LYS A 190 -4.68 1.73 27.52
C LYS A 190 -3.68 1.72 26.37
N CYS A 191 -3.66 2.79 25.59
CA CYS A 191 -2.78 2.88 24.44
C CYS A 191 -1.79 4.02 24.57
N TYR A 192 -0.84 4.10 23.65
CA TYR A 192 0.21 5.11 23.72
C TYR A 192 0.41 5.82 22.40
N THR A 193 0.67 7.13 22.47
CA THR A 193 0.88 7.94 21.28
C THR A 193 2.26 8.57 21.27
N PHE A 194 3.02 8.30 20.21
CA PHE A 194 4.33 8.93 20.03
C PHE A 194 4.17 10.26 19.30
N ASN A 195 4.87 11.28 19.78
CA ASN A 195 4.81 12.60 19.17
C ASN A 195 3.38 13.15 19.16
N ALA A 196 2.69 13.01 20.29
CA ALA A 196 1.31 13.48 20.41
C ALA A 196 1.21 14.98 20.25
N GLY A 197 2.28 15.69 20.59
CA GLY A 197 2.34 17.13 20.43
C GLY A 197 1.53 17.89 21.46
N GLN A 198 1.26 17.25 22.59
CA GLN A 198 0.48 17.90 23.65
C GLN A 198 1.37 18.32 24.80
N ASP A 199 2.68 18.11 24.65
CA ASP A 199 3.65 18.48 25.67
C ASP A 199 4.15 19.91 25.49
N GLY A 200 3.88 20.49 24.33
CA GLY A 200 4.37 21.82 24.01
C GLY A 200 5.83 21.79 23.61
N LYS A 201 6.35 20.58 23.42
CA LYS A 201 7.73 20.39 22.99
C LYS A 201 7.89 20.81 21.53
N PRO A 202 9.13 21.11 21.12
CA PRO A 202 9.40 21.52 19.73
C PRO A 202 9.03 20.41 18.74
N ARG A 203 8.53 20.79 17.58
CA ARG A 203 8.07 19.82 16.58
C ARG A 203 9.16 18.86 16.12
N LEU A 204 8.77 17.61 15.92
CA LEU A 204 9.63 16.64 15.26
C LEU A 204 9.43 16.76 13.76
N ILE A 205 10.52 16.91 13.02
CA ILE A 205 10.43 17.10 11.57
C ILE A 205 11.24 16.07 10.78
N THR A 206 10.73 15.74 9.60
CA THR A 206 11.41 14.85 8.67
C THR A 206 11.87 15.67 7.47
N MET A 207 13.02 15.30 6.90
CA MET A 207 13.57 16.09 5.80
C MET A 207 14.03 15.23 4.61
N LYS A 208 14.49 14.02 4.90
CA LYS A 208 14.97 13.13 3.85
C LYS A 208 14.13 11.86 3.77
N GLY A 209 14.17 11.21 2.62
CA GLY A 209 13.44 9.96 2.44
C GLY A 209 14.19 8.79 3.02
N GLY A 210 13.47 7.84 3.59
CA GLY A 210 14.07 6.63 4.11
C GLY A 210 13.92 6.43 5.60
N THR A 211 14.23 5.21 6.04
CA THR A 211 14.06 4.83 7.45
C THR A 211 14.83 5.74 8.41
N GLY A 212 16.01 6.21 7.98
CA GLY A 212 16.86 7.02 8.82
C GLY A 212 16.18 8.28 9.37
N ASN A 213 15.26 8.84 8.58
CA ASN A 213 14.58 10.07 8.98
C ASN A 213 13.23 9.79 9.64
N GLY A 214 13.06 8.60 10.17
CA GLY A 214 11.81 8.21 10.77
C GLY A 214 11.91 7.60 12.15
N LEU A 215 10.89 6.81 12.51
CA LEU A 215 10.80 6.21 13.83
C LEU A 215 11.04 4.70 13.76
N GLU A 216 11.83 4.18 14.68
CA GLU A 216 12.00 2.74 14.82
C GLU A 216 11.86 2.32 16.28
N ILE A 217 10.87 1.45 16.54
CA ILE A 217 10.65 0.95 17.89
C ILE A 217 10.64 -0.58 17.89
N MET A 218 11.28 -1.16 18.91
CA MET A 218 11.21 -2.60 19.12
C MET A 218 10.29 -2.88 20.30
N LEU A 219 9.24 -3.64 20.06
CA LEU A 219 8.24 -3.92 21.10
C LEU A 219 8.24 -5.38 21.55
N ASP A 220 7.83 -5.59 22.79
CA ASP A 220 7.58 -6.91 23.33
C ASP A 220 6.11 -6.97 23.72
N ILE A 221 5.31 -7.70 22.94
CA ILE A 221 3.87 -7.73 23.15
C ILE A 221 3.43 -8.53 24.39
N GLN A 222 4.37 -9.26 24.97
CA GLN A 222 4.13 -9.97 26.24
C GLN A 222 2.94 -10.92 26.20
N GLN A 223 3.02 -11.95 25.35
CA GLN A 223 1.93 -12.92 25.26
C GLN A 223 1.73 -13.70 26.57
N ASP A 224 2.79 -13.83 27.35
CA ASP A 224 2.70 -14.52 28.63
C ASP A 224 1.78 -13.79 29.60
N GLU A 225 1.37 -12.58 29.21
CA GLU A 225 0.50 -11.76 30.04
C GLU A 225 -0.92 -11.69 29.48
N TYR A 226 -1.10 -12.25 28.28
CA TYR A 226 -2.41 -12.23 27.63
C TYR A 226 -3.46 -12.93 28.50
N LEU A 227 -4.63 -12.31 28.61
CA LEU A 227 -5.73 -12.88 29.37
C LEU A 227 -6.25 -14.12 28.65
N PRO A 228 -6.46 -15.21 29.40
CA PRO A 228 -7.02 -16.42 28.80
C PRO A 228 -8.32 -16.12 28.08
N VAL A 229 -8.48 -16.67 26.87
CA VAL A 229 -9.69 -16.45 26.10
C VAL A 229 -10.59 -17.68 26.14
N TRP A 230 -11.75 -17.54 26.79
CA TRP A 230 -12.67 -18.65 26.97
C TRP A 230 -13.97 -18.45 26.20
N GLY A 231 -14.08 -17.30 25.54
CA GLY A 231 -15.28 -16.99 24.79
C GLY A 231 -15.09 -15.77 23.91
N GLU A 232 -16.17 -15.35 23.26
CA GLU A 232 -16.11 -14.20 22.36
C GLU A 232 -16.76 -12.97 22.98
N THR A 233 -15.95 -11.93 23.19
CA THR A 233 -16.46 -10.68 23.72
C THR A 233 -15.79 -9.52 23.00
N ASP A 234 -16.31 -8.31 23.22
CA ASP A 234 -15.75 -7.11 22.58
C ASP A 234 -14.43 -6.69 23.22
N GLU A 235 -14.05 -7.36 24.30
CA GLU A 235 -12.82 -7.00 25.02
C GLU A 235 -11.72 -8.05 24.86
N THR A 236 -12.06 -9.19 24.27
CA THR A 236 -11.09 -10.26 24.03
C THR A 236 -10.81 -10.40 22.53
N SER A 237 -9.72 -11.07 22.19
CA SER A 237 -9.37 -11.28 20.79
C SER A 237 -8.64 -12.61 20.57
N PHE A 238 -8.71 -13.12 19.35
CA PHE A 238 -8.03 -14.34 18.97
C PHE A 238 -6.60 -14.05 18.51
N GLU A 239 -6.29 -12.77 18.35
CA GLU A 239 -5.04 -12.38 17.72
C GLU A 239 -3.97 -11.88 18.69
N ALA A 240 -2.72 -11.96 18.25
CA ALA A 240 -1.59 -11.44 19.02
C ALA A 240 -0.85 -10.42 18.16
N GLY A 241 -0.43 -9.33 18.79
CA GLY A 241 0.26 -8.26 18.09
C GLY A 241 -0.23 -6.89 18.56
N ILE A 242 -0.09 -5.90 17.70
CA ILE A 242 -0.52 -4.54 18.03
C ILE A 242 -1.32 -3.91 16.91
N LYS A 243 -2.13 -2.91 17.27
CA LYS A 243 -2.83 -2.11 16.28
C LYS A 243 -2.17 -0.73 16.28
N VAL A 244 -1.99 -0.16 15.09
CA VAL A 244 -1.31 1.12 14.97
C VAL A 244 -2.12 2.08 14.10
N GLN A 245 -2.09 3.37 14.47
CA GLN A 245 -2.70 4.39 13.62
C GLN A 245 -1.83 5.63 13.51
N ILE A 246 -1.49 5.98 12.28
CA ILE A 246 -0.74 7.19 11.98
C ILE A 246 -1.73 8.30 11.67
N HIS A 247 -1.65 9.40 12.41
CA HIS A 247 -2.63 10.48 12.28
C HIS A 247 -2.07 11.83 12.65
N SER A 248 -2.65 12.88 12.06
CA SER A 248 -2.30 14.25 12.43
C SER A 248 -2.52 14.46 13.91
N GLN A 249 -1.77 15.38 14.49
CA GLN A 249 -1.77 15.57 15.93
C GLN A 249 -3.02 16.26 16.45
N ASP A 250 -3.73 16.95 15.58
CA ASP A 250 -4.96 17.63 15.96
C ASP A 250 -6.19 16.76 15.71
N GLU A 251 -5.94 15.50 15.40
CA GLU A 251 -7.00 14.53 15.14
C GLU A 251 -6.87 13.35 16.09
N PRO A 252 -7.92 13.08 16.88
CA PRO A 252 -7.88 11.95 17.81
C PRO A 252 -7.89 10.63 17.05
N PRO A 253 -7.33 9.58 17.66
CA PRO A 253 -7.32 8.26 17.02
C PRO A 253 -8.65 7.54 17.13
N LEU A 254 -8.98 6.74 16.12
CA LEU A 254 -10.12 5.83 16.16
C LEU A 254 -9.56 4.47 15.80
N ILE A 255 -8.70 3.96 16.67
CA ILE A 255 -7.80 2.85 16.34
C ILE A 255 -8.48 1.48 16.15
N ASP A 256 -9.61 1.26 16.81
CA ASP A 256 -10.34 0.00 16.65
C ASP A 256 -10.97 -0.12 15.26
N GLN A 257 -11.16 1.02 14.61
CA GLN A 257 -11.82 1.05 13.31
C GLN A 257 -10.86 1.31 12.15
N LEU A 258 -9.91 2.23 12.36
CA LEU A 258 -9.09 2.72 11.26
C LEU A 258 -7.62 2.31 11.33
N GLY A 259 -7.26 1.57 12.38
CA GLY A 259 -5.88 1.18 12.56
C GLY A 259 -5.39 0.15 11.56
N PHE A 260 -4.09 -0.07 11.54
CA PHE A 260 -3.52 -1.19 10.78
C PHE A 260 -2.77 -2.10 11.73
N GLY A 261 -2.58 -3.36 11.33
CA GLY A 261 -1.96 -4.34 12.19
C GLY A 261 -0.46 -4.50 11.99
N VAL A 262 0.23 -4.84 13.07
CA VAL A 262 1.64 -5.19 13.00
C VAL A 262 1.84 -6.49 13.78
N ALA A 263 2.48 -7.46 13.14
CA ALA A 263 2.59 -8.80 13.72
C ALA A 263 3.91 -9.02 14.45
N PRO A 264 3.87 -9.83 15.52
CA PRO A 264 5.09 -10.24 16.22
C PRO A 264 5.93 -11.16 15.34
N GLY A 265 7.24 -11.16 15.55
CA GLY A 265 8.13 -12.00 14.79
C GLY A 265 8.54 -11.39 13.45
N PHE A 266 8.26 -10.11 13.27
CA PHE A 266 8.64 -9.42 12.05
C PHE A 266 9.19 -8.03 12.33
N GLN A 267 10.01 -7.52 11.41
CA GLN A 267 10.28 -6.11 11.34
C GLN A 267 9.39 -5.57 10.23
N THR A 268 8.51 -4.62 10.58
CA THR A 268 7.57 -4.08 9.61
C THR A 268 7.99 -2.69 9.14
N PHE A 269 8.10 -2.52 7.83
CA PHE A 269 8.43 -1.23 7.25
C PHE A 269 7.18 -0.52 6.75
N VAL A 270 7.00 0.72 7.19
CA VAL A 270 5.85 1.51 6.78
C VAL A 270 6.31 2.81 6.10
N SER A 271 6.39 2.77 4.77
CA SER A 271 6.76 3.94 3.98
C SER A 271 5.54 4.81 3.75
N CYS A 272 5.61 6.06 4.17
CA CYS A 272 4.44 6.94 4.17
C CYS A 272 4.56 8.13 3.23
N GLN A 273 3.40 8.71 2.89
CA GLN A 273 3.32 9.94 2.13
C GLN A 273 2.20 10.77 2.72
N GLU A 274 2.50 11.99 3.14
CA GLU A 274 1.48 12.88 3.69
C GLU A 274 0.67 13.52 2.57
N GLN A 275 -0.65 13.48 2.71
CA GLN A 275 -1.54 14.03 1.71
C GLN A 275 -2.50 15.04 2.33
N ARG A 276 -2.33 16.30 1.94
CA ARG A 276 -3.15 17.39 2.47
C ARG A 276 -4.29 17.67 1.51
N LEU A 277 -5.52 17.54 2.01
CA LEU A 277 -6.70 17.79 1.21
C LEU A 277 -7.50 18.98 1.73
N ILE A 278 -7.76 19.93 0.86
CA ILE A 278 -8.53 21.12 1.22
C ILE A 278 -9.82 21.17 0.42
N TYR A 279 -10.93 21.45 1.09
CA TYR A 279 -12.23 21.51 0.44
C TYR A 279 -12.90 22.86 0.61
N LEU A 280 -13.79 23.20 -0.32
CA LEU A 280 -14.53 24.44 -0.25
C LEU A 280 -15.87 24.24 0.45
N PRO A 281 -16.29 25.23 1.24
CA PRO A 281 -17.61 25.23 1.88
C PRO A 281 -18.67 25.64 0.87
N PRO A 282 -19.95 25.57 1.26
CA PRO A 282 -20.99 26.07 0.35
C PRO A 282 -20.75 27.55 0.07
N PRO A 283 -21.15 28.02 -1.13
CA PRO A 283 -21.88 27.28 -2.16
C PRO A 283 -21.00 26.38 -3.04
N TRP A 284 -19.68 26.54 -2.98
CA TRP A 284 -18.79 25.77 -3.85
C TRP A 284 -18.72 24.29 -3.50
N GLY A 285 -18.79 23.98 -2.21
CA GLY A 285 -18.65 22.61 -1.76
C GLY A 285 -19.58 22.20 -0.62
N ASP A 286 -19.17 21.16 0.12
CA ASP A 286 -20.02 20.59 1.16
C ASP A 286 -19.39 20.58 2.55
N CYS A 287 -18.15 21.04 2.65
CA CYS A 287 -17.38 20.89 3.89
C CYS A 287 -17.85 21.75 5.05
N LYS A 288 -17.44 21.37 6.26
CA LYS A 288 -17.67 22.15 7.47
C LYS A 288 -16.35 22.61 8.05
N ALA A 289 -16.23 23.90 8.31
CA ALA A 289 -15.02 24.45 8.90
C ALA A 289 -15.01 24.25 10.42
N THR A 290 -13.82 24.05 10.98
CA THR A 290 -13.66 23.82 12.41
C THR A 290 -14.63 24.64 13.26
N TYR A 297 -13.54 18.48 21.28
CA TYR A 297 -12.28 18.56 20.55
C TYR A 297 -12.09 19.96 19.93
N ASP A 298 -10.85 20.27 19.57
CA ASP A 298 -10.49 21.63 19.17
C ASP A 298 -10.56 21.90 17.67
N THR A 299 -10.23 20.89 16.87
CA THR A 299 -10.32 21.02 15.41
C THR A 299 -11.32 20.01 14.87
N TYR A 300 -12.08 20.40 13.85
CA TYR A 300 -13.07 19.49 13.28
C TYR A 300 -12.41 18.39 12.45
N SER A 301 -12.78 17.16 12.76
CA SER A 301 -12.34 15.99 12.00
C SER A 301 -13.44 14.96 12.06
N ILE A 302 -13.50 14.10 11.04
CA ILE A 302 -14.52 13.05 11.01
C ILE A 302 -14.49 12.24 12.30
N THR A 303 -13.29 11.86 12.73
CA THR A 303 -13.15 11.07 13.94
C THR A 303 -13.69 11.82 15.17
N ALA A 304 -13.22 13.04 15.37
CA ALA A 304 -13.68 13.86 16.48
C ALA A 304 -15.21 13.91 16.48
N CYS A 305 -15.78 14.02 15.28
CA CYS A 305 -17.23 14.07 15.12
C CYS A 305 -17.88 12.76 15.55
N ARG A 306 -17.30 11.65 15.12
CA ARG A 306 -17.84 10.33 15.47
C ARG A 306 -17.77 10.06 16.96
N ILE A 307 -16.61 10.32 17.57
CA ILE A 307 -16.45 10.12 19.00
C ILE A 307 -17.47 10.93 19.77
N ASP A 308 -17.59 12.21 19.44
CA ASP A 308 -18.57 13.08 20.06
C ASP A 308 -19.97 12.50 19.93
N CYS A 309 -20.31 12.06 18.72
CA CYS A 309 -21.63 11.51 18.45
C CYS A 309 -21.86 10.21 19.21
N GLU A 310 -20.88 9.31 19.17
CA GLU A 310 -20.98 8.03 19.87
C GLU A 310 -21.20 8.23 21.36
N THR A 311 -20.49 9.19 21.95
CA THR A 311 -20.61 9.49 23.37
C THR A 311 -22.03 9.90 23.71
N ARG A 312 -22.59 10.81 22.92
CA ARG A 312 -23.96 11.28 23.12
C ARG A 312 -24.95 10.14 23.01
N TYR A 313 -24.70 9.25 22.06
CA TYR A 313 -25.60 8.12 21.83
C TYR A 313 -25.64 7.16 23.01
N LEU A 314 -24.46 6.81 23.53
CA LEU A 314 -24.39 5.92 24.68
C LEU A 314 -25.02 6.56 25.92
N VAL A 315 -24.69 7.82 26.16
CA VAL A 315 -25.24 8.54 27.30
C VAL A 315 -26.77 8.58 27.23
N GLU A 316 -27.29 8.77 26.02
CA GLU A 316 -28.72 8.85 25.81
C GLU A 316 -29.41 7.49 26.00
N ASN A 317 -28.74 6.41 25.59
CA ASN A 317 -29.36 5.10 25.60
C ASN A 317 -28.88 4.17 26.72
N CYS A 318 -27.80 4.53 27.37
CA CYS A 318 -27.23 3.69 28.43
C CYS A 318 -27.03 4.46 29.73
N ASN A 319 -27.20 5.77 29.67
CA ASN A 319 -26.98 6.62 30.83
C ASN A 319 -25.58 6.46 31.40
N CYS A 320 -24.62 6.24 30.51
CA CYS A 320 -23.22 6.14 30.89
C CYS A 320 -22.36 6.20 29.63
N ARG A 321 -21.06 6.45 29.82
CA ARG A 321 -20.12 6.48 28.72
C ARG A 321 -19.07 5.42 28.93
N MET A 322 -18.56 4.85 27.84
CA MET A 322 -17.41 3.96 27.94
C MET A 322 -16.23 4.80 28.42
N VAL A 323 -15.31 4.18 29.15
CA VAL A 323 -14.29 4.92 29.88
C VAL A 323 -13.32 5.74 29.01
N HIS A 324 -13.30 5.48 27.71
CA HIS A 324 -12.39 6.17 26.81
C HIS A 324 -13.04 7.39 26.16
N MET A 325 -14.32 7.60 26.47
CA MET A 325 -15.07 8.70 25.85
C MET A 325 -14.97 9.98 26.65
N PRO A 326 -15.04 11.14 25.96
CA PRO A 326 -14.96 12.45 26.59
C PRO A 326 -16.22 12.78 27.38
N GLY A 327 -16.23 13.94 28.04
CA GLY A 327 -17.40 14.37 28.79
C GLY A 327 -17.29 14.11 30.28
N ASP A 328 -18.41 14.27 30.97
CA ASP A 328 -18.43 14.09 32.43
C ASP A 328 -19.56 13.15 32.86
N ALA A 329 -20.07 12.36 31.94
CA ALA A 329 -21.09 11.37 32.25
C ALA A 329 -20.47 10.25 33.07
N PRO A 330 -21.28 9.58 33.89
CA PRO A 330 -20.76 8.47 34.72
C PRO A 330 -20.19 7.35 33.86
N TYR A 331 -19.10 6.74 34.34
CA TYR A 331 -18.49 5.61 33.65
C TYR A 331 -19.41 4.39 33.70
N CYS A 332 -19.50 3.67 32.59
CA CYS A 332 -20.29 2.46 32.54
C CYS A 332 -19.69 1.37 33.43
N THR A 333 -20.54 0.64 34.13
CA THR A 333 -20.09 -0.50 34.91
C THR A 333 -19.85 -1.67 33.96
N PRO A 334 -19.09 -2.68 34.41
CA PRO A 334 -18.91 -3.89 33.60
C PRO A 334 -20.24 -4.47 33.13
N GLU A 335 -21.24 -4.43 34.00
CA GLU A 335 -22.57 -4.93 33.64
C GLU A 335 -23.19 -4.10 32.52
N GLN A 336 -23.04 -2.79 32.60
CA GLN A 336 -23.55 -1.89 31.59
C GLN A 336 -22.83 -2.08 30.25
N TYR A 337 -21.50 -2.23 30.32
CA TYR A 337 -20.71 -2.53 29.15
C TYR A 337 -21.32 -3.70 28.40
N LYS A 338 -21.55 -4.78 29.13
CA LYS A 338 -22.03 -6.04 28.56
C LYS A 338 -23.46 -5.96 28.06
N GLU A 339 -24.33 -5.33 28.84
CA GLU A 339 -25.76 -5.34 28.55
C GLU A 339 -26.22 -4.20 27.64
N CYS A 340 -25.51 -3.08 27.67
CA CYS A 340 -25.98 -1.89 26.95
C CYS A 340 -24.92 -1.21 26.09
N ALA A 341 -23.82 -0.81 26.71
CA ALA A 341 -22.81 0.01 26.04
C ALA A 341 -22.19 -0.65 24.80
N ASP A 342 -21.65 -1.86 24.98
CA ASP A 342 -21.02 -2.57 23.86
C ASP A 342 -21.96 -2.78 22.68
N PRO A 343 -23.15 -3.32 22.93
CA PRO A 343 -24.11 -3.49 21.84
C PRO A 343 -24.43 -2.15 21.17
N ALA A 344 -24.56 -1.10 21.97
CA ALA A 344 -24.87 0.23 21.45
C ALA A 344 -23.78 0.75 20.52
N LEU A 345 -22.53 0.71 20.99
CA LEU A 345 -21.42 1.18 20.18
C LEU A 345 -21.24 0.31 18.94
N ASP A 346 -21.38 -1.00 19.11
CA ASP A 346 -21.30 -1.92 17.97
C ASP A 346 -22.32 -1.56 16.91
N PHE A 347 -23.54 -1.25 17.34
CA PHE A 347 -24.59 -0.84 16.42
C PHE A 347 -24.16 0.36 15.60
N LEU A 348 -23.56 1.36 16.26
CA LEU A 348 -23.14 2.58 15.60
C LEU A 348 -22.05 2.34 14.56
N VAL A 349 -21.04 1.54 14.91
CA VAL A 349 -19.89 1.34 14.04
C VAL A 349 -20.10 0.21 13.03
N GLU A 350 -21.26 -0.45 13.09
CA GLU A 350 -21.55 -1.57 12.20
C GLU A 350 -22.80 -1.37 11.36
N LYS A 351 -23.94 -1.15 12.02
CA LYS A 351 -25.23 -1.12 11.32
C LYS A 351 -25.74 0.29 11.02
N ASP A 352 -25.51 1.22 11.95
CA ASP A 352 -26.09 2.56 11.87
C ASP A 352 -25.88 3.25 10.53
N ASN A 353 -26.92 3.92 10.05
CA ASN A 353 -26.86 4.71 8.82
C ASN A 353 -27.50 6.08 9.01
N GLU A 354 -27.97 6.36 10.22
CA GLU A 354 -28.78 7.55 10.47
C GLU A 354 -28.20 8.47 11.53
N TYR A 355 -27.75 7.89 12.63
CA TYR A 355 -27.42 8.68 13.82
C TYR A 355 -26.07 9.41 13.74
N CYS A 356 -24.99 8.66 13.56
CA CYS A 356 -23.67 9.28 13.53
C CYS A 356 -23.10 9.41 12.11
N VAL A 357 -23.76 10.23 11.31
CA VAL A 357 -23.26 10.55 9.97
C VAL A 357 -22.62 11.93 10.00
N CYS A 358 -21.29 11.96 9.84
CA CYS A 358 -20.54 13.20 9.91
C CYS A 358 -20.34 13.83 8.53
N GLU A 359 -20.30 15.16 8.50
CA GLU A 359 -20.04 15.88 7.25
C GLU A 359 -18.55 16.10 7.01
N MET A 360 -18.20 16.29 5.74
CA MET A 360 -16.79 16.43 5.36
C MET A 360 -16.12 17.65 5.99
N PRO A 361 -14.93 17.46 6.55
CA PRO A 361 -14.12 18.57 7.06
C PRO A 361 -13.55 19.36 5.90
N CYS A 362 -13.28 20.65 6.11
CA CYS A 362 -12.68 21.47 5.07
C CYS A 362 -11.20 21.21 4.95
N ASN A 363 -10.64 20.53 5.95
CA ASN A 363 -9.21 20.28 6.02
C ASN A 363 -8.91 18.87 6.52
N VAL A 364 -8.42 18.02 5.62
CA VAL A 364 -8.12 16.64 5.97
C VAL A 364 -6.68 16.28 5.65
N THR A 365 -6.03 15.56 6.57
CA THR A 365 -4.69 15.06 6.34
C THR A 365 -4.68 13.54 6.32
N ARG A 366 -4.38 12.98 5.15
CA ARG A 366 -4.35 11.53 4.97
C ARG A 366 -2.91 11.06 4.83
N TYR A 367 -2.63 9.85 5.31
CA TYR A 367 -1.29 9.28 5.20
C TYR A 367 -1.29 7.99 4.39
N GLY A 368 -0.78 8.06 3.16
CA GLY A 368 -0.60 6.89 2.34
C GLY A 368 0.44 5.96 2.94
N LYS A 369 0.18 4.67 2.89
CA LYS A 369 1.06 3.70 3.53
C LYS A 369 1.39 2.51 2.62
N GLU A 370 2.66 2.13 2.61
CA GLU A 370 3.09 0.90 1.95
C GLU A 370 3.84 0.03 2.95
N LEU A 371 3.26 -1.11 3.30
CA LEU A 371 3.87 -2.00 4.29
C LEU A 371 4.62 -3.17 3.66
N SER A 372 5.72 -3.54 4.30
CA SER A 372 6.47 -4.73 3.93
C SER A 372 7.12 -5.25 5.20
N MET A 373 7.66 -6.46 5.16
CA MET A 373 8.22 -7.05 6.37
C MET A 373 9.32 -8.07 6.14
N VAL A 374 10.17 -8.21 7.16
CA VAL A 374 11.17 -9.27 7.20
C VAL A 374 11.04 -9.98 8.53
N LYS A 375 11.66 -11.15 8.66
CA LYS A 375 11.52 -11.96 9.86
C LYS A 375 12.50 -11.56 10.96
N ILE A 376 12.05 -11.62 12.21
CA ILE A 376 12.91 -11.40 13.36
C ILE A 376 12.53 -12.40 14.45
N PRO A 377 13.52 -13.00 15.10
CA PRO A 377 14.94 -12.80 14.82
C PRO A 377 15.46 -13.84 13.82
N SER A 378 16.63 -13.58 13.26
CA SER A 378 17.32 -14.57 12.46
C SER A 378 17.94 -15.58 13.42
N LYS A 379 18.22 -16.78 12.93
CA LYS A 379 18.87 -17.80 13.75
C LYS A 379 20.13 -17.25 14.40
N ALA A 380 20.85 -16.40 13.66
CA ALA A 380 22.16 -15.92 14.10
C ALA A 380 22.08 -14.85 15.19
N SER A 381 20.92 -14.21 15.34
CA SER A 381 20.78 -13.12 16.29
C SER A 381 19.86 -13.47 17.46
N ALA A 382 19.20 -14.62 17.38
CA ALA A 382 18.24 -15.02 18.41
C ALA A 382 18.87 -15.08 19.80
N LYS A 383 20.00 -15.75 19.91
CA LYS A 383 20.65 -15.91 21.20
C LYS A 383 21.07 -14.58 21.80
N TYR A 384 21.51 -13.65 20.94
CA TYR A 384 21.89 -12.32 21.40
C TYR A 384 20.72 -11.59 22.05
N LEU A 385 19.59 -11.58 21.35
CA LEU A 385 18.39 -10.92 21.85
C LEU A 385 17.83 -11.61 23.09
N ALA A 386 17.85 -12.93 23.08
CA ALA A 386 17.37 -13.72 24.21
C ALA A 386 18.15 -13.37 25.47
N LYS A 387 19.47 -13.33 25.35
CA LYS A 387 20.33 -13.03 26.49
C LYS A 387 20.17 -11.57 26.92
N LYS A 388 20.00 -10.69 25.94
CA LYS A 388 19.93 -9.27 26.21
C LYS A 388 18.70 -8.89 27.05
N TYR A 389 17.55 -9.41 26.68
CA TYR A 389 16.31 -9.09 27.38
C TYR A 389 15.88 -10.18 28.35
N ASN A 390 16.77 -11.14 28.59
CA ASN A 390 16.53 -12.20 29.56
C ASN A 390 15.28 -13.02 29.25
N LYS A 391 15.19 -13.48 28.01
CA LYS A 391 14.11 -14.35 27.58
C LYS A 391 14.66 -15.58 26.88
N SER A 392 13.78 -16.51 26.53
CA SER A 392 14.18 -17.68 25.76
C SER A 392 14.13 -17.32 24.28
N GLU A 393 14.89 -18.04 23.46
CA GLU A 393 14.90 -17.77 22.03
C GLU A 393 13.51 -17.92 21.42
N GLN A 394 12.72 -18.85 21.94
CA GLN A 394 11.37 -19.06 21.43
C GLN A 394 10.48 -17.87 21.78
N TYR A 395 10.62 -17.38 23.00
CA TYR A 395 9.85 -16.22 23.44
C TYR A 395 10.09 -15.04 22.50
N ILE A 396 11.35 -14.79 22.20
CA ILE A 396 11.72 -13.70 21.30
C ILE A 396 10.97 -13.78 19.98
N GLY A 397 10.93 -14.98 19.40
CA GLY A 397 10.27 -15.19 18.13
C GLY A 397 8.77 -14.99 18.17
N GLU A 398 8.18 -15.16 19.35
CA GLU A 398 6.73 -15.06 19.50
C GLU A 398 6.26 -13.69 19.97
N ASN A 399 7.16 -12.89 20.52
CA ASN A 399 6.75 -11.66 21.18
C ASN A 399 7.41 -10.38 20.67
N ILE A 400 8.62 -10.49 20.15
CA ILE A 400 9.35 -9.31 19.71
C ILE A 400 8.92 -8.86 18.32
N LEU A 401 8.79 -7.55 18.13
CA LEU A 401 8.51 -6.99 16.82
C LEU A 401 9.23 -5.66 16.66
N VAL A 402 9.60 -5.34 15.42
CA VAL A 402 10.22 -4.06 15.13
C VAL A 402 9.35 -3.29 14.14
N LEU A 403 9.09 -2.03 14.46
CA LEU A 403 8.23 -1.19 13.63
C LEU A 403 8.99 0.03 13.13
N ASP A 404 9.01 0.21 11.81
CA ASP A 404 9.67 1.36 11.20
C ASP A 404 8.66 2.24 10.46
N ILE A 405 8.53 3.49 10.91
CA ILE A 405 7.61 4.43 10.28
C ILE A 405 8.38 5.64 9.74
N PHE A 406 8.35 5.80 8.41
CA PHE A 406 9.11 6.84 7.74
C PHE A 406 8.40 7.31 6.48
N PHE A 407 9.00 8.28 5.80
CA PHE A 407 8.42 8.80 4.56
C PHE A 407 9.32 8.54 3.37
N GLU A 408 8.71 8.46 2.18
CA GLU A 408 9.46 8.31 0.94
C GLU A 408 9.96 9.67 0.47
N ALA A 409 10.72 9.67 -0.62
CA ALA A 409 11.28 10.91 -1.15
C ALA A 409 10.19 11.93 -1.45
N LEU A 410 9.24 11.55 -2.31
CA LEU A 410 8.08 12.38 -2.57
C LEU A 410 7.12 12.25 -1.40
N ASN A 411 7.34 13.06 -0.38
CA ASN A 411 6.67 12.89 0.91
C ASN A 411 5.39 13.71 1.10
N TYR A 412 5.11 14.59 0.14
CA TYR A 412 4.01 15.54 0.33
C TYR A 412 3.14 15.69 -0.92
N GLU A 413 1.84 15.48 -0.74
CA GLU A 413 0.89 15.65 -1.82
C GLU A 413 -0.26 16.54 -1.38
N THR A 414 -0.65 17.47 -2.24
CA THR A 414 -1.76 18.37 -1.94
C THR A 414 -2.88 18.24 -2.95
N ILE A 415 -4.10 18.14 -2.45
CA ILE A 415 -5.29 18.09 -3.29
C ILE A 415 -6.26 19.15 -2.80
N GLU A 416 -6.20 20.33 -3.41
CA GLU A 416 -6.98 21.47 -2.94
C GLU A 416 -8.06 21.92 -3.91
N GLN A 417 -9.28 22.10 -3.40
CA GLN A 417 -10.37 22.65 -4.19
C GLN A 417 -10.26 24.17 -4.23
N LYS A 418 -10.20 24.71 -5.43
CA LYS A 418 -10.09 26.16 -5.62
C LYS A 418 -11.29 26.70 -6.38
N LYS A 419 -11.77 27.85 -5.93
CA LYS A 419 -12.86 28.53 -6.60
C LYS A 419 -12.45 28.85 -8.03
N ALA A 420 -13.23 28.36 -8.98
CA ALA A 420 -12.91 28.53 -10.40
C ALA A 420 -13.17 29.94 -10.88
N TYR A 421 -14.22 30.57 -10.36
CA TYR A 421 -14.64 31.88 -10.85
C TYR A 421 -14.93 32.87 -9.73
N GLU A 422 -13.89 33.58 -9.29
CA GLU A 422 -14.05 34.60 -8.27
C GLU A 422 -14.66 35.86 -8.87
N VAL A 423 -15.21 36.72 -8.00
CA VAL A 423 -15.86 37.95 -8.44
C VAL A 423 -14.91 38.83 -9.26
N ALA A 424 -13.67 38.95 -8.80
CA ALA A 424 -12.68 39.77 -9.48
C ALA A 424 -12.50 39.31 -10.93
N GLY A 425 -12.54 37.99 -11.12
CA GLY A 425 -12.43 37.42 -12.45
C GLY A 425 -13.65 37.70 -13.29
N LEU A 426 -14.79 37.84 -12.63
CA LEU A 426 -16.06 38.10 -13.32
C LEU A 426 -16.04 39.45 -14.01
N LEU A 427 -15.57 40.47 -13.29
CA LEU A 427 -15.51 41.81 -13.82
C LEU A 427 -14.61 41.87 -15.06
N GLY A 428 -13.52 41.11 -15.02
CA GLY A 428 -12.58 41.07 -16.13
C GLY A 428 -13.24 40.69 -17.44
N ASP A 429 -14.13 39.71 -17.41
CA ASP A 429 -14.83 39.28 -18.60
C ASP A 429 -15.89 40.27 -19.04
N ILE A 430 -16.21 41.21 -18.15
CA ILE A 430 -17.22 42.24 -18.44
C ILE A 430 -16.61 43.63 -18.51
N GLY A 431 -15.71 43.93 -17.60
CA GLY A 431 -15.07 45.24 -17.51
C GLY A 431 -14.82 45.92 -18.84
N GLY A 432 -14.40 45.14 -19.83
CA GLY A 432 -14.15 45.67 -21.16
C GLY A 432 -15.43 46.13 -21.82
N GLN A 433 -16.46 45.29 -21.76
CA GLN A 433 -17.75 45.61 -22.35
C GLN A 433 -18.38 46.81 -21.67
N MET A 434 -18.14 46.94 -20.36
CA MET A 434 -18.69 48.05 -19.59
C MET A 434 -17.85 49.32 -19.76
N GLY A 435 -16.59 49.14 -20.14
CA GLY A 435 -15.72 50.26 -20.42
C GLY A 435 -16.12 50.93 -21.73
N LEU A 436 -16.55 50.11 -22.68
CA LEU A 436 -17.03 50.62 -23.97
C LEU A 436 -18.46 51.13 -23.83
N PHE A 437 -18.94 51.18 -22.59
CA PHE A 437 -20.24 51.75 -22.29
C PHE A 437 -20.05 53.04 -21.51
N ILE A 438 -18.87 53.19 -20.89
CA ILE A 438 -18.55 54.38 -20.12
C ILE A 438 -18.21 55.53 -21.06
N GLY A 439 -17.81 55.18 -22.29
CA GLY A 439 -17.49 56.17 -23.31
C GLY A 439 -18.74 56.62 -24.05
N ALA A 440 -19.62 55.67 -24.33
CA ALA A 440 -20.89 55.97 -24.96
C ALA A 440 -21.82 56.64 -23.95
N SER A 441 -21.40 56.65 -22.69
CA SER A 441 -22.18 57.26 -21.63
C SER A 441 -21.85 58.74 -21.47
N ILE A 442 -20.70 59.15 -22.00
CA ILE A 442 -20.28 60.54 -21.94
C ILE A 442 -20.61 61.26 -23.25
N LEU A 443 -21.02 60.48 -24.25
CA LEU A 443 -21.43 61.05 -25.53
C LEU A 443 -22.95 60.97 -25.69
N THR A 444 -23.64 60.95 -24.57
CA THR A 444 -25.10 60.94 -24.55
C THR A 444 -25.63 62.07 -23.66
N VAL A 445 -24.88 62.37 -22.60
CA VAL A 445 -25.25 63.43 -21.67
C VAL A 445 -25.12 64.82 -22.31
N MET B 48 -10.61 60.43 -18.61
CA MET B 48 -9.90 59.54 -17.70
C MET B 48 -10.83 58.44 -17.18
N GLY B 49 -12.06 58.43 -17.68
CA GLY B 49 -13.04 57.44 -17.28
C GLY B 49 -12.77 56.08 -17.88
N SER B 50 -12.11 56.07 -19.04
CA SER B 50 -11.76 54.82 -19.71
C SER B 50 -10.25 54.65 -19.81
N LEU B 51 -9.52 55.70 -19.45
CA LEU B 51 -8.07 55.62 -19.38
C LEU B 51 -7.66 54.69 -18.23
N ALA B 52 -8.64 54.34 -17.41
CA ALA B 52 -8.41 53.45 -16.27
C ALA B 52 -8.94 52.04 -16.55
N LEU B 53 -10.24 51.95 -16.84
CA LEU B 53 -10.87 50.66 -17.11
C LEU B 53 -10.11 49.84 -18.14
N LEU B 54 -9.51 50.51 -19.11
CA LEU B 54 -8.61 49.86 -20.05
C LEU B 54 -7.38 49.39 -19.30
N ALA B 55 -6.66 50.33 -18.71
CA ALA B 55 -5.45 50.04 -17.96
C ALA B 55 -5.70 49.03 -16.84
N LEU B 56 -6.79 49.21 -16.11
CA LEU B 56 -7.10 48.36 -14.97
C LEU B 56 -7.24 46.90 -15.36
N VAL B 57 -8.27 46.59 -16.14
CA VAL B 57 -8.55 45.21 -16.54
C VAL B 57 -7.39 44.65 -17.36
N CYS B 58 -6.60 45.54 -17.95
CA CYS B 58 -5.40 45.14 -18.67
C CYS B 58 -4.32 44.75 -17.67
N THR B 59 -4.26 45.49 -16.55
CA THR B 59 -3.24 45.26 -15.53
C THR B 59 -3.40 43.91 -14.85
N ASN B 60 -4.63 43.52 -14.57
CA ASN B 60 -4.89 42.25 -13.90
C ASN B 60 -4.32 41.05 -14.66
N ARG B 61 -4.55 41.01 -15.97
CA ARG B 61 -4.05 39.92 -16.79
C ARG B 61 -2.53 39.97 -16.89
N ILE B 62 -2.00 41.18 -17.01
CA ILE B 62 -0.55 41.37 -17.06
C ILE B 62 0.11 40.85 -15.78
N GLN B 63 -0.49 41.19 -14.64
CA GLN B 63 0.01 40.71 -13.36
C GLN B 63 -0.04 39.20 -13.25
N TYR B 64 -1.09 38.60 -13.80
CA TYR B 64 -1.26 37.16 -13.74
C TYR B 64 -0.15 36.44 -14.49
N TYR B 65 0.21 36.95 -15.67
CA TYR B 65 1.28 36.35 -16.45
C TYR B 65 2.58 36.32 -15.64
N PHE B 66 2.98 37.48 -15.13
CA PHE B 66 4.24 37.62 -14.40
C PHE B 66 4.20 36.92 -13.04
N LEU B 67 3.07 36.27 -12.76
CA LEU B 67 2.99 35.38 -11.60
C LEU B 67 3.48 34.00 -12.00
N TYR B 68 3.64 33.81 -13.31
CA TYR B 68 4.09 32.53 -13.87
C TYR B 68 3.37 31.35 -13.24
N PRO B 69 2.04 31.30 -13.41
CA PRO B 69 1.22 30.24 -12.83
C PRO B 69 1.38 28.93 -13.61
N HIS B 70 0.99 27.82 -13.00
CA HIS B 70 1.07 26.53 -13.65
C HIS B 70 -0.18 25.71 -13.35
N VAL B 71 -0.41 24.68 -14.16
CA VAL B 71 -1.45 23.71 -13.87
C VAL B 71 -0.83 22.33 -13.89
N THR B 72 -1.39 21.41 -13.11
CA THR B 72 -0.86 20.06 -13.04
C THR B 72 -1.82 19.07 -13.68
N LYS B 73 -1.46 18.59 -14.86
CA LYS B 73 -2.31 17.65 -15.60
C LYS B 73 -2.11 16.22 -15.10
N LEU B 74 -3.20 15.61 -14.67
CA LEU B 74 -3.19 14.24 -14.17
C LEU B 74 -3.88 13.30 -15.14
N ASP B 75 -3.31 12.11 -15.33
CA ASP B 75 -3.96 11.09 -16.14
C ASP B 75 -3.49 9.68 -15.77
N GLU B 76 -4.42 8.75 -15.77
CA GLU B 76 -4.16 7.38 -15.35
C GLU B 76 -4.70 6.41 -16.40
N VAL B 77 -3.81 5.73 -17.09
CA VAL B 77 -4.21 4.88 -18.21
C VAL B 77 -3.52 3.53 -18.22
N ALA B 78 -3.96 2.66 -19.11
CA ALA B 78 -3.29 1.41 -19.37
C ALA B 78 -2.36 1.60 -20.56
N ALA B 79 -1.09 1.84 -20.27
CA ALA B 79 -0.10 2.04 -21.32
C ALA B 79 0.26 0.71 -21.97
N THR B 80 0.57 0.75 -23.25
CA THR B 80 1.14 -0.39 -23.94
C THR B 80 2.66 -0.25 -23.94
N ARG B 81 3.35 -1.37 -24.10
CA ARG B 81 4.81 -1.36 -24.12
C ARG B 81 5.39 -0.53 -22.97
N LEU B 82 4.96 -0.83 -21.75
CA LEU B 82 5.52 -0.18 -20.58
C LEU B 82 6.92 -0.72 -20.33
N THR B 83 7.87 0.17 -20.05
CA THR B 83 9.24 -0.26 -19.77
C THR B 83 9.38 -0.79 -18.36
N PHE B 84 9.75 -2.07 -18.25
CA PHE B 84 9.90 -2.70 -16.94
C PHE B 84 11.06 -2.05 -16.18
N PRO B 85 10.85 -1.81 -14.88
CA PRO B 85 11.84 -1.12 -14.06
C PRO B 85 13.02 -2.02 -13.71
N ALA B 86 14.01 -1.46 -13.03
CA ALA B 86 15.11 -2.24 -12.50
C ALA B 86 14.74 -2.72 -11.10
N VAL B 87 15.15 -3.93 -10.76
CA VAL B 87 14.87 -4.49 -9.45
C VAL B 87 16.16 -4.87 -8.74
N THR B 88 16.47 -4.14 -7.67
CA THR B 88 17.67 -4.40 -6.88
C THR B 88 17.30 -5.07 -5.57
N PHE B 89 18.09 -6.07 -5.15
CA PHE B 89 17.86 -6.71 -3.87
C PHE B 89 19.15 -7.08 -3.14
N CYS B 90 19.06 -7.10 -1.81
CA CYS B 90 20.20 -7.45 -0.97
C CYS B 90 19.78 -8.48 0.06
N ASN B 91 20.69 -9.38 0.39
CA ASN B 91 20.48 -10.25 1.54
C ASN B 91 20.77 -9.44 2.79
N LEU B 92 19.89 -9.53 3.78
CA LEU B 92 20.06 -8.74 5.00
C LEU B 92 21.36 -9.08 5.72
N ASN B 93 21.89 -10.28 5.43
CA ASN B 93 23.18 -10.69 5.96
C ASN B 93 24.30 -10.31 4.99
N GLU B 94 25.33 -9.64 5.49
CA GLU B 94 26.34 -9.05 4.63
C GLU B 94 27.54 -9.95 4.32
N PHE B 95 27.87 -10.86 5.24
CA PHE B 95 29.03 -11.72 5.04
C PHE B 95 28.72 -13.18 5.35
N ARG B 96 29.00 -14.06 4.39
CA ARG B 96 28.81 -15.48 4.59
C ARG B 96 29.83 -16.03 5.60
N PHE B 97 29.32 -16.59 6.68
CA PHE B 97 30.16 -17.08 7.78
C PHE B 97 31.32 -17.97 7.30
N SER B 98 31.03 -18.83 6.32
CA SER B 98 32.02 -19.78 5.85
C SER B 98 33.10 -19.14 4.97
N ARG B 99 32.90 -17.90 4.54
CA ARG B 99 33.89 -17.22 3.70
C ARG B 99 34.81 -16.30 4.51
N VAL B 100 34.49 -16.08 5.78
CA VAL B 100 35.31 -15.22 6.62
C VAL B 100 36.61 -15.95 6.98
N THR B 101 37.74 -15.42 6.51
CA THR B 101 39.03 -16.05 6.77
C THR B 101 39.68 -15.51 8.03
N LYS B 102 40.78 -16.13 8.44
CA LYS B 102 41.52 -15.67 9.60
C LYS B 102 41.96 -14.22 9.42
N ASN B 103 42.41 -13.90 8.22
CA ASN B 103 42.84 -12.54 7.91
C ASN B 103 41.65 -11.57 7.93
N ASP B 104 40.52 -12.02 7.41
CA ASP B 104 39.30 -11.22 7.44
C ASP B 104 38.93 -10.89 8.88
N LEU B 105 38.86 -11.91 9.72
CA LEU B 105 38.50 -11.74 11.12
C LEU B 105 39.45 -10.78 11.81
N TYR B 106 40.72 -10.85 11.45
CA TYR B 106 41.74 -10.01 12.07
C TYR B 106 41.51 -8.53 11.81
N HIS B 107 41.08 -8.21 10.59
CA HIS B 107 40.90 -6.81 10.20
C HIS B 107 39.49 -6.29 10.50
N ALA B 108 38.48 -7.08 10.16
CA ALA B 108 37.09 -6.64 10.30
C ALA B 108 36.43 -7.20 11.55
N GLY B 109 37.21 -7.90 12.36
CA GLY B 109 36.68 -8.53 13.56
C GLY B 109 35.95 -7.58 14.49
N GLU B 110 36.63 -6.51 14.90
CA GLU B 110 36.03 -5.55 15.83
C GLU B 110 34.82 -4.86 15.20
N LEU B 111 34.89 -4.60 13.89
CA LEU B 111 33.80 -3.95 13.18
C LEU B 111 32.53 -4.80 13.21
N LEU B 112 32.72 -6.11 13.11
CA LEU B 112 31.59 -7.04 13.05
C LEU B 112 31.18 -7.52 14.43
N ALA B 113 31.82 -6.98 15.46
CA ALA B 113 31.51 -7.32 16.85
C ALA B 113 31.90 -8.75 17.21
N LEU B 114 32.74 -9.36 16.39
CA LEU B 114 33.22 -10.71 16.64
C LEU B 114 34.50 -10.70 17.47
N LEU B 115 35.11 -9.52 17.58
CA LEU B 115 36.32 -9.35 18.39
C LEU B 115 36.26 -8.05 19.18
N ASN B 116 37.00 -7.99 20.28
CA ASN B 116 37.12 -6.76 21.04
C ASN B 116 38.31 -5.95 20.55
N ASN B 117 38.64 -4.86 21.25
CA ASN B 117 39.72 -3.97 20.82
C ASN B 117 41.12 -4.56 21.02
N ARG B 118 41.18 -5.78 21.52
CA ARG B 118 42.47 -6.46 21.71
C ARG B 118 42.52 -7.80 20.98
N TYR B 119 41.79 -7.88 19.87
CA TYR B 119 41.82 -9.03 18.98
C TYR B 119 41.45 -10.35 19.64
N GLU B 120 40.68 -10.29 20.73
CA GLU B 120 40.20 -11.49 21.40
C GLU B 120 38.71 -11.67 21.17
N ILE B 121 38.27 -12.93 21.18
CA ILE B 121 36.83 -13.20 21.12
C ILE B 121 36.18 -12.67 22.39
N PRO B 122 35.17 -11.80 22.22
CA PRO B 122 34.51 -11.07 23.30
C PRO B 122 34.05 -11.95 24.45
N ASP B 123 34.07 -11.38 25.65
CA ASP B 123 33.58 -12.04 26.83
C ASP B 123 32.08 -12.29 26.70
N THR B 124 31.40 -11.34 26.08
CA THR B 124 29.94 -11.33 26.02
C THR B 124 29.35 -12.00 24.78
N GLN B 125 30.10 -12.94 24.18
CA GLN B 125 29.62 -13.62 22.98
C GLN B 125 28.42 -14.51 23.29
N THR B 126 27.48 -14.57 22.36
CA THR B 126 26.26 -15.37 22.52
C THR B 126 26.09 -16.31 21.33
N ALA B 127 27.02 -17.23 21.18
CA ALA B 127 27.00 -18.14 20.04
C ALA B 127 26.72 -19.58 20.47
N ASP B 128 26.22 -20.39 19.54
CA ASP B 128 26.08 -21.81 19.77
C ASP B 128 27.48 -22.41 19.82
N GLU B 129 27.63 -23.51 20.54
CA GLU B 129 28.96 -24.06 20.80
C GLU B 129 29.75 -24.41 19.53
N LYS B 130 29.08 -24.93 18.51
CA LYS B 130 29.76 -25.31 17.28
C LYS B 130 30.38 -24.10 16.58
N GLN B 131 29.62 -23.02 16.49
CA GLN B 131 30.09 -21.80 15.85
C GLN B 131 31.16 -21.10 16.68
N LEU B 132 30.96 -21.08 18.00
CA LEU B 132 31.97 -20.52 18.90
C LEU B 132 33.29 -21.24 18.72
N GLU B 133 33.22 -22.56 18.60
CA GLU B 133 34.42 -23.38 18.44
C GLU B 133 35.10 -23.13 17.10
N ILE B 134 34.30 -22.84 16.07
CA ILE B 134 34.86 -22.50 14.76
C ILE B 134 35.56 -21.15 14.80
N LEU B 135 34.97 -20.20 15.51
CA LEU B 135 35.50 -18.85 15.60
C LEU B 135 36.74 -18.76 16.50
N GLN B 136 36.71 -19.48 17.62
CA GLN B 136 37.86 -19.49 18.53
C GLN B 136 39.11 -19.98 17.81
N ASP B 137 38.92 -20.90 16.86
CA ASP B 137 40.04 -21.38 16.06
C ASP B 137 40.46 -20.36 15.00
N LYS B 138 39.50 -19.68 14.40
CA LYS B 138 39.79 -18.61 13.45
C LYS B 138 40.51 -17.46 14.16
N ALA B 139 40.09 -17.16 15.39
CA ALA B 139 40.61 -16.02 16.13
C ALA B 139 41.95 -16.31 16.79
N ASN B 140 42.50 -17.49 16.53
CA ASN B 140 43.83 -17.84 17.02
C ASN B 140 44.91 -17.16 16.17
N PHE B 141 45.47 -16.08 16.69
CA PHE B 141 46.42 -15.27 15.92
C PHE B 141 47.87 -15.48 16.31
N ARG B 142 48.16 -16.53 17.07
CA ARG B 142 49.53 -16.85 17.42
C ARG B 142 50.33 -17.13 16.15
N ASN B 143 51.47 -16.47 16.00
CA ASN B 143 52.32 -16.64 14.83
C ASN B 143 51.64 -16.20 13.53
N PHE B 144 50.61 -15.37 13.65
CA PHE B 144 49.87 -14.92 12.48
C PHE B 144 50.39 -13.60 11.93
N LYS B 145 50.77 -13.61 10.66
CA LYS B 145 51.21 -12.40 9.98
C LYS B 145 50.09 -11.86 9.10
N PRO B 146 49.54 -10.70 9.47
CA PRO B 146 48.44 -10.07 8.73
C PRO B 146 48.82 -9.76 7.28
N LYS B 147 47.85 -9.85 6.39
CA LYS B 147 48.07 -9.61 4.97
C LYS B 147 47.08 -8.57 4.46
N PRO B 148 47.49 -7.79 3.44
CA PRO B 148 46.66 -6.68 2.95
C PRO B 148 45.18 -7.03 2.89
N PHE B 149 44.35 -6.14 3.42
CA PHE B 149 42.91 -6.34 3.47
C PHE B 149 42.18 -5.11 2.98
N ASN B 150 41.04 -5.31 2.32
CA ASN B 150 40.19 -4.19 1.98
C ASN B 150 38.72 -4.60 1.91
N MET B 151 37.85 -3.68 2.32
CA MET B 151 36.44 -3.98 2.49
C MET B 151 35.72 -4.38 1.21
N LEU B 152 36.10 -3.77 0.09
CA LEU B 152 35.46 -4.09 -1.18
C LEU B 152 35.71 -5.54 -1.57
N GLU B 153 36.98 -5.96 -1.49
CA GLU B 153 37.35 -7.34 -1.78
C GLU B 153 36.61 -8.28 -0.82
N PHE B 154 36.52 -7.88 0.44
CA PHE B 154 35.82 -8.66 1.46
C PHE B 154 34.35 -8.85 1.10
N TYR B 155 33.67 -7.75 0.75
CA TYR B 155 32.27 -7.82 0.35
C TYR B 155 32.11 -8.70 -0.89
N ASP B 156 32.95 -8.48 -1.88
CA ASP B 156 32.84 -9.19 -3.16
C ASP B 156 33.05 -10.69 -3.00
N ARG B 157 33.92 -11.07 -2.07
CA ARG B 157 34.27 -12.47 -1.88
C ARG B 157 33.37 -13.19 -0.85
N ALA B 158 32.97 -12.48 0.19
CA ALA B 158 32.22 -13.09 1.28
C ALA B 158 30.71 -12.86 1.17
N GLY B 159 30.32 -11.84 0.41
CA GLY B 159 28.91 -11.54 0.21
C GLY B 159 28.19 -12.71 -0.41
N HIS B 160 26.88 -12.79 -0.19
CA HIS B 160 26.09 -13.88 -0.74
C HIS B 160 26.18 -13.92 -2.27
N ASP B 161 26.27 -15.13 -2.81
CA ASP B 161 26.43 -15.32 -4.24
C ASP B 161 25.08 -15.54 -4.91
N ILE B 162 24.75 -14.68 -5.88
CA ILE B 162 23.50 -14.81 -6.63
C ILE B 162 23.38 -16.21 -7.23
N ARG B 163 24.52 -16.80 -7.58
CA ARG B 163 24.53 -18.15 -8.15
C ARG B 163 24.03 -19.20 -7.16
N GLU B 164 24.11 -18.88 -5.88
CA GLU B 164 23.65 -19.79 -4.84
C GLU B 164 22.24 -19.43 -4.36
N MET B 165 21.96 -18.13 -4.28
CA MET B 165 20.67 -17.66 -3.79
C MET B 165 19.53 -17.89 -4.79
N LEU B 166 19.84 -17.74 -6.07
CA LEU B 166 18.82 -17.80 -7.12
C LEU B 166 18.45 -19.24 -7.46
N LEU B 167 17.31 -19.71 -6.97
CA LEU B 167 16.86 -21.06 -7.24
C LEU B 167 16.14 -21.15 -8.59
N SER B 168 15.33 -20.15 -8.89
CA SER B 168 14.63 -20.10 -10.17
C SER B 168 14.28 -18.66 -10.50
N CYS B 169 14.18 -18.36 -11.79
CA CYS B 169 13.90 -17.00 -12.24
C CYS B 169 13.18 -17.01 -13.58
N PHE B 170 12.05 -16.32 -13.64
CA PHE B 170 11.27 -16.21 -14.87
C PHE B 170 10.75 -14.79 -15.09
N PHE B 171 10.92 -14.30 -16.31
CA PHE B 171 10.33 -13.03 -16.71
C PHE B 171 9.50 -13.22 -17.96
N ARG B 172 8.20 -12.96 -17.84
CA ARG B 172 7.28 -13.10 -18.97
C ARG B 172 7.49 -14.41 -19.71
N GLY B 173 7.45 -15.52 -18.97
CA GLY B 173 7.53 -16.84 -19.57
C GLY B 173 8.92 -17.28 -19.97
N GLU B 174 9.89 -16.38 -19.87
CA GLU B 174 11.26 -16.69 -20.24
C GLU B 174 12.12 -16.96 -19.01
N GLN B 175 12.92 -18.01 -19.07
CA GLN B 175 13.81 -18.34 -17.96
C GLN B 175 15.02 -17.40 -17.94
N CYS B 176 15.24 -16.76 -16.79
CA CYS B 176 16.41 -15.91 -16.61
C CYS B 176 17.42 -16.58 -15.69
N SER B 177 18.64 -16.05 -15.66
CA SER B 177 19.72 -16.70 -14.92
C SER B 177 20.55 -15.70 -14.13
N PRO B 178 21.50 -16.18 -13.31
CA PRO B 178 22.36 -15.30 -12.51
C PRO B 178 23.06 -14.25 -13.37
N GLU B 179 23.37 -14.61 -14.62
CA GLU B 179 24.03 -13.68 -15.53
C GLU B 179 23.14 -12.48 -15.85
N ASP B 180 21.84 -12.64 -15.65
CA ASP B 180 20.88 -11.56 -15.92
C ASP B 180 20.83 -10.56 -14.76
N PHE B 181 21.60 -10.83 -13.71
CA PHE B 181 21.68 -9.93 -12.57
C PHE B 181 23.03 -9.23 -12.52
N LYS B 182 23.02 -7.92 -12.36
CA LYS B 182 24.27 -7.17 -12.28
C LYS B 182 24.66 -6.90 -10.83
N VAL B 183 25.95 -7.06 -10.53
CA VAL B 183 26.46 -6.79 -9.20
C VAL B 183 26.52 -5.31 -8.93
N VAL B 184 25.93 -4.88 -7.82
CA VAL B 184 25.98 -3.49 -7.40
C VAL B 184 26.26 -3.41 -5.90
N PHE B 185 27.26 -2.64 -5.52
CA PHE B 185 27.62 -2.51 -4.12
C PHE B 185 26.87 -1.38 -3.43
N THR B 186 26.21 -1.72 -2.34
CA THR B 186 25.43 -0.76 -1.56
C THR B 186 25.94 -0.79 -0.13
N ARG B 187 25.25 -0.12 0.78
CA ARG B 187 25.66 -0.15 2.19
C ARG B 187 25.43 -1.54 2.78
N TYR B 188 24.49 -2.28 2.20
CA TYR B 188 24.27 -3.67 2.62
C TYR B 188 25.38 -4.57 2.11
N GLY B 189 26.22 -4.03 1.24
CA GLY B 189 27.32 -4.80 0.67
C GLY B 189 27.07 -5.21 -0.76
N LYS B 190 27.21 -6.51 -1.03
CA LYS B 190 27.10 -7.04 -2.38
C LYS B 190 25.66 -7.35 -2.76
N CYS B 191 25.09 -6.52 -3.63
CA CYS B 191 23.70 -6.69 -4.02
C CYS B 191 23.59 -6.94 -5.53
N TYR B 192 22.37 -7.24 -5.98
CA TYR B 192 22.15 -7.58 -7.38
C TYR B 192 20.96 -6.84 -7.98
N THR B 193 21.09 -6.42 -9.22
CA THR B 193 20.03 -5.70 -9.91
C THR B 193 19.57 -6.45 -11.16
N PHE B 194 18.27 -6.73 -11.21
CA PHE B 194 17.67 -7.35 -12.38
C PHE B 194 17.25 -6.27 -13.37
N ASN B 195 17.54 -6.50 -14.65
CA ASN B 195 17.18 -5.54 -15.69
C ASN B 195 17.80 -4.17 -15.45
N ALA B 196 19.08 -4.16 -15.08
CA ALA B 196 19.80 -2.92 -14.80
C ALA B 196 19.89 -2.02 -16.02
N GLY B 197 19.84 -2.64 -17.20
CA GLY B 197 19.88 -1.91 -18.46
C GLY B 197 21.24 -1.32 -18.81
N GLN B 198 22.30 -1.88 -18.22
CA GLN B 198 23.65 -1.40 -18.48
C GLN B 198 24.41 -2.34 -19.40
N ASP B 199 23.72 -3.39 -19.88
CA ASP B 199 24.31 -4.35 -20.78
C ASP B 199 24.14 -3.96 -22.23
N GLY B 200 23.26 -2.99 -22.48
CA GLY B 200 22.96 -2.58 -23.85
C GLY B 200 22.01 -3.56 -24.52
N LYS B 201 21.47 -4.49 -23.73
CA LYS B 201 20.51 -5.45 -24.22
C LYS B 201 19.17 -4.78 -24.51
N PRO B 202 18.34 -5.40 -25.36
CA PRO B 202 17.04 -4.85 -25.71
C PRO B 202 16.14 -4.74 -24.48
N ARG B 203 15.33 -3.68 -24.44
CA ARG B 203 14.47 -3.40 -23.29
C ARG B 203 13.50 -4.53 -22.97
N LEU B 204 13.31 -4.78 -21.68
CA LEU B 204 12.25 -5.65 -21.23
C LEU B 204 10.97 -4.83 -21.08
N ILE B 205 9.88 -5.29 -21.68
CA ILE B 205 8.63 -4.54 -21.66
C ILE B 205 7.46 -5.35 -21.11
N THR B 206 6.55 -4.65 -20.45
CA THR B 206 5.31 -5.23 -19.95
C THR B 206 4.15 -4.71 -20.78
N MET B 207 3.13 -5.53 -20.97
CA MET B 207 2.00 -5.12 -21.81
C MET B 207 0.64 -5.42 -21.20
N LYS B 208 0.55 -6.49 -20.42
CA LYS B 208 -0.70 -6.87 -19.81
C LYS B 208 -0.61 -6.83 -18.29
N GLY B 209 -1.75 -6.73 -17.63
CA GLY B 209 -1.79 -6.71 -16.18
C GLY B 209 -1.72 -8.11 -15.61
N GLY B 210 -1.04 -8.25 -14.47
CA GLY B 210 -0.97 -9.53 -13.80
C GLY B 210 0.43 -10.11 -13.70
N THR B 211 0.56 -11.13 -12.86
CA THR B 211 1.85 -11.76 -12.58
C THR B 211 2.54 -12.29 -13.83
N GLY B 212 1.75 -12.78 -14.78
CA GLY B 212 2.28 -13.37 -16.00
C GLY B 212 3.21 -12.46 -16.78
N ASN B 213 2.94 -11.15 -16.73
CA ASN B 213 3.72 -10.18 -17.47
C ASN B 213 4.82 -9.54 -16.63
N GLY B 214 5.22 -10.23 -15.56
CA GLY B 214 6.21 -9.70 -14.65
C GLY B 214 7.34 -10.64 -14.31
N LEU B 215 7.96 -10.39 -13.16
CA LEU B 215 9.12 -11.16 -12.73
C LEU B 215 8.76 -12.06 -11.54
N GLU B 216 9.22 -13.30 -11.59
CA GLU B 216 9.09 -14.21 -10.45
C GLU B 216 10.42 -14.89 -10.16
N ILE B 217 10.93 -14.67 -8.94
CA ILE B 217 12.18 -15.29 -8.52
C ILE B 217 11.99 -16.06 -7.21
N MET B 218 12.58 -17.25 -7.13
CA MET B 218 12.62 -18.00 -5.88
C MET B 218 14.02 -17.92 -5.30
N LEU B 219 14.13 -17.37 -4.09
CA LEU B 219 15.42 -17.17 -3.45
C LEU B 219 15.64 -18.08 -2.24
N ASP B 220 16.90 -18.37 -1.98
CA ASP B 220 17.32 -19.05 -0.76
C ASP B 220 18.25 -18.12 -0.01
N ILE B 221 17.76 -17.55 1.10
CA ILE B 221 18.52 -16.54 1.84
C ILE B 221 19.71 -17.10 2.61
N GLN B 222 19.78 -18.43 2.72
CA GLN B 222 20.93 -19.10 3.32
C GLN B 222 21.23 -18.65 4.75
N GLN B 223 20.30 -18.88 5.67
CA GLN B 223 20.52 -18.48 7.06
C GLN B 223 21.68 -19.24 7.70
N ASP B 224 21.96 -20.44 7.20
CA ASP B 224 23.06 -21.24 7.72
C ASP B 224 24.41 -20.56 7.46
N GLU B 225 24.38 -19.50 6.67
CA GLU B 225 25.59 -18.75 6.34
C GLU B 225 25.65 -17.40 7.03
N TYR B 226 24.56 -17.04 7.73
CA TYR B 226 24.49 -15.78 8.45
C TYR B 226 25.60 -15.66 9.48
N LEU B 227 26.24 -14.51 9.53
CA LEU B 227 27.29 -14.25 10.50
C LEU B 227 26.69 -14.18 11.90
N PRO B 228 27.31 -14.86 12.86
CA PRO B 228 26.82 -14.80 14.25
C PRO B 228 26.72 -13.36 14.72
N VAL B 229 25.62 -13.01 15.38
CA VAL B 229 25.42 -11.66 15.88
C VAL B 229 25.65 -11.60 17.39
N TRP B 230 26.71 -10.91 17.78
CA TRP B 230 27.10 -10.83 19.19
C TRP B 230 26.94 -9.42 19.74
N GLY B 231 26.53 -8.50 18.89
CA GLY B 231 26.35 -7.12 19.29
C GLY B 231 25.64 -6.30 18.24
N GLU B 232 25.53 -5.00 18.48
CA GLU B 232 24.83 -4.11 17.56
C GLU B 232 25.81 -3.24 16.77
N THR B 233 25.84 -3.44 15.45
CA THR B 233 26.67 -2.64 14.57
C THR B 233 25.92 -2.29 13.30
N ASP B 234 26.47 -1.37 12.51
CA ASP B 234 25.83 -0.96 11.27
C ASP B 234 25.94 -2.01 10.18
N GLU B 235 26.69 -3.07 10.45
CA GLU B 235 26.89 -4.13 9.45
C GLU B 235 26.19 -5.43 9.82
N THR B 236 25.63 -5.49 11.02
CA THR B 236 24.90 -6.67 11.47
C THR B 236 23.40 -6.35 11.59
N SER B 237 22.58 -7.39 11.65
CA SER B 237 21.14 -7.20 11.80
C SER B 237 20.48 -8.32 12.59
N PHE B 238 19.32 -8.02 13.17
CA PHE B 238 18.55 -9.01 13.92
C PHE B 238 17.61 -9.77 12.99
N GLU B 239 17.50 -9.31 11.75
CA GLU B 239 16.48 -9.83 10.84
C GLU B 239 17.02 -10.78 9.78
N ALA B 240 16.12 -11.61 9.25
CA ALA B 240 16.43 -12.52 8.17
C ALA B 240 15.49 -12.24 7.01
N GLY B 241 16.03 -12.28 5.79
CA GLY B 241 15.27 -11.98 4.60
C GLY B 241 16.06 -11.13 3.64
N ILE B 242 15.36 -10.39 2.78
CA ILE B 242 16.01 -9.52 1.82
C ILE B 242 15.39 -8.14 1.78
N LYS B 243 16.16 -7.17 1.30
CA LYS B 243 15.66 -5.83 1.06
C LYS B 243 15.56 -5.64 -0.45
N VAL B 244 14.48 -5.03 -0.92
CA VAL B 244 14.28 -4.85 -2.35
C VAL B 244 13.93 -3.41 -2.69
N GLN B 245 14.41 -2.93 -3.83
CA GLN B 245 14.03 -1.61 -4.32
C GLN B 245 13.74 -1.62 -5.81
N ILE B 246 12.52 -1.21 -6.16
CA ILE B 246 12.12 -1.07 -7.56
C ILE B 246 12.37 0.38 -7.98
N HIS B 247 13.16 0.56 -9.03
CA HIS B 247 13.57 1.91 -9.44
C HIS B 247 13.85 1.99 -10.93
N SER B 248 13.68 3.19 -11.49
CA SER B 248 14.05 3.47 -12.87
C SER B 248 15.53 3.14 -13.09
N GLN B 249 15.86 2.78 -14.32
CA GLN B 249 17.21 2.31 -14.62
C GLN B 249 18.26 3.38 -14.61
N ASP B 250 17.84 4.63 -14.77
CA ASP B 250 18.77 5.75 -14.77
C ASP B 250 18.91 6.36 -13.38
N GLU B 251 18.36 5.68 -12.38
CA GLU B 251 18.42 6.11 -10.99
C GLU B 251 19.08 5.05 -10.13
N PRO B 252 20.18 5.40 -9.46
CA PRO B 252 20.86 4.43 -8.60
C PRO B 252 20.01 4.08 -7.39
N PRO B 253 20.21 2.89 -6.82
CA PRO B 253 19.45 2.48 -5.64
C PRO B 253 19.97 3.10 -4.35
N LEU B 254 19.06 3.36 -3.42
CA LEU B 254 19.45 3.76 -2.06
C LEU B 254 18.72 2.80 -1.13
N ILE B 255 19.11 1.54 -1.21
CA ILE B 255 18.31 0.44 -0.68
C ILE B 255 18.22 0.36 0.84
N ASP B 256 19.24 0.85 1.54
CA ASP B 256 19.22 0.83 3.01
C ASP B 256 18.20 1.82 3.56
N GLN B 257 17.83 2.80 2.74
CA GLN B 257 16.90 3.85 3.18
C GLN B 257 15.51 3.71 2.57
N LEU B 258 15.44 3.36 1.29
CA LEU B 258 14.17 3.42 0.56
C LEU B 258 13.62 2.05 0.16
N GLY B 259 14.33 0.98 0.51
CA GLY B 259 13.89 -0.35 0.13
C GLY B 259 12.65 -0.83 0.87
N PHE B 260 12.09 -1.94 0.40
CA PHE B 260 11.03 -2.62 1.14
C PHE B 260 11.48 -4.03 1.46
N GLY B 261 10.88 -4.63 2.48
CA GLY B 261 11.30 -5.95 2.92
C GLY B 261 10.50 -7.10 2.32
N VAL B 262 11.16 -8.23 2.16
CA VAL B 262 10.50 -9.47 1.75
C VAL B 262 10.95 -10.57 2.69
N ALA B 263 10.00 -11.29 3.27
CA ALA B 263 10.31 -12.28 4.30
C ALA B 263 10.42 -13.69 3.75
N PRO B 264 11.30 -14.50 4.37
CA PRO B 264 11.41 -15.92 4.03
C PRO B 264 10.17 -16.67 4.49
N GLY B 265 9.84 -17.77 3.80
CA GLY B 265 8.67 -18.55 4.16
C GLY B 265 7.37 -18.03 3.55
N PHE B 266 7.49 -17.10 2.61
CA PHE B 266 6.32 -16.55 1.94
C PHE B 266 6.54 -16.39 0.44
N GLN B 267 5.45 -16.40 -0.30
CA GLN B 267 5.47 -15.87 -1.66
C GLN B 267 4.88 -14.48 -1.56
N THR B 268 5.66 -13.48 -1.96
CA THR B 268 5.22 -12.09 -1.86
C THR B 268 4.82 -11.53 -3.22
N PHE B 269 3.60 -10.99 -3.28
CA PHE B 269 3.10 -10.39 -4.51
C PHE B 269 3.24 -8.87 -4.45
N VAL B 270 3.88 -8.29 -5.46
CA VAL B 270 4.05 -6.85 -5.52
C VAL B 270 3.42 -6.28 -6.79
N SER B 271 2.18 -5.81 -6.67
CA SER B 271 1.46 -5.20 -7.78
C SER B 271 1.85 -3.73 -7.89
N CYS B 272 2.37 -3.34 -9.04
CA CYS B 272 2.94 -2.00 -9.20
C CYS B 272 2.19 -1.12 -10.19
N GLN B 273 2.42 0.19 -10.07
CA GLN B 273 1.92 1.16 -11.02
C GLN B 273 3.00 2.22 -11.22
N GLU B 274 3.42 2.41 -12.46
CA GLU B 274 4.45 3.41 -12.77
C GLU B 274 3.84 4.81 -12.80
N GLN B 275 4.48 5.75 -12.10
CA GLN B 275 3.99 7.11 -12.02
C GLN B 275 5.05 8.09 -12.47
N ARG B 276 4.79 8.75 -13.58
CA ARG B 276 5.72 9.70 -14.17
C ARG B 276 5.37 11.11 -13.73
N LEU B 277 6.29 11.78 -13.06
CA LEU B 277 6.06 13.15 -12.60
C LEU B 277 7.01 14.14 -13.26
N ILE B 278 6.44 15.17 -13.87
CA ILE B 278 7.23 16.20 -14.54
C ILE B 278 7.01 17.54 -13.84
N TYR B 279 8.11 18.26 -13.60
CA TYR B 279 8.02 19.55 -12.92
C TYR B 279 8.62 20.67 -13.77
N LEU B 280 8.18 21.89 -13.51
CA LEU B 280 8.69 23.05 -14.21
C LEU B 280 9.83 23.68 -13.42
N PRO B 281 10.85 24.19 -14.15
CA PRO B 281 11.95 24.93 -13.53
C PRO B 281 11.51 26.36 -13.26
N PRO B 282 12.35 27.16 -12.58
CA PRO B 282 12.00 28.57 -12.40
C PRO B 282 11.84 29.24 -13.76
N PRO B 283 10.97 30.25 -13.86
CA PRO B 283 10.23 30.87 -12.74
C PRO B 283 8.97 30.11 -12.33
N TRP B 284 8.52 29.14 -13.14
CA TRP B 284 7.27 28.44 -12.85
C TRP B 284 7.38 27.51 -11.64
N GLY B 285 8.54 26.88 -11.47
CA GLY B 285 8.71 25.90 -10.40
C GLY B 285 10.05 25.96 -9.70
N ASP B 286 10.44 24.84 -9.09
CA ASP B 286 11.65 24.77 -8.26
C ASP B 286 12.66 23.72 -8.72
N CYS B 287 12.32 22.96 -9.75
CA CYS B 287 13.12 21.79 -10.12
C CYS B 287 14.49 22.11 -10.73
N LYS B 288 15.36 21.11 -10.73
CA LYS B 288 16.65 21.20 -11.39
C LYS B 288 16.72 20.17 -12.52
N ALA B 289 17.09 20.62 -13.71
CA ALA B 289 17.22 19.72 -14.86
C ALA B 289 18.56 19.00 -14.83
N THR B 290 18.58 17.77 -15.32
CA THR B 290 19.79 16.95 -15.34
C THR B 290 21.04 17.77 -15.62
N GLU B 295 29.48 14.05 -14.32
CA GLU B 295 29.33 13.84 -12.88
C GLU B 295 29.48 12.35 -12.54
N PHE B 296 29.42 12.03 -11.26
CA PHE B 296 29.39 10.65 -10.81
C PHE B 296 28.27 9.92 -11.55
N TYR B 297 27.12 10.58 -11.67
CA TYR B 297 25.95 9.98 -12.31
C TYR B 297 25.50 10.77 -13.54
N ASP B 298 24.72 10.13 -14.40
CA ASP B 298 24.40 10.69 -15.71
C ASP B 298 23.09 11.49 -15.76
N THR B 299 22.10 11.05 -14.99
CA THR B 299 20.83 11.77 -14.91
C THR B 299 20.61 12.26 -13.48
N TYR B 300 20.02 13.46 -13.34
CA TYR B 300 19.78 13.98 -12.01
C TYR B 300 18.62 13.27 -11.31
N SER B 301 18.89 12.82 -10.09
CA SER B 301 17.87 12.21 -9.25
C SER B 301 18.22 12.52 -7.81
N ILE B 302 17.21 12.54 -6.94
CA ILE B 302 17.45 12.82 -5.54
C ILE B 302 18.50 11.87 -4.98
N THR B 303 18.37 10.59 -5.29
CA THR B 303 19.31 9.59 -4.81
C THR B 303 20.74 9.88 -5.29
N ALA B 304 20.89 10.05 -6.61
CA ALA B 304 22.20 10.37 -7.17
C ALA B 304 22.80 11.57 -6.46
N CYS B 305 21.96 12.54 -6.13
CA CYS B 305 22.39 13.75 -5.44
C CYS B 305 22.87 13.40 -4.02
N ARG B 306 22.10 12.58 -3.32
CA ARG B 306 22.45 12.20 -1.96
C ARG B 306 23.75 11.42 -1.91
N ILE B 307 23.88 10.41 -2.77
CA ILE B 307 25.09 9.61 -2.82
C ILE B 307 26.31 10.48 -3.06
N ASP B 308 26.22 11.35 -4.07
CA ASP B 308 27.29 12.28 -4.38
C ASP B 308 27.63 13.12 -3.16
N CYS B 309 26.61 13.65 -2.50
CA CYS B 309 26.82 14.50 -1.33
C CYS B 309 27.43 13.72 -0.17
N GLU B 310 26.89 12.54 0.10
CA GLU B 310 27.40 11.69 1.19
C GLU B 310 28.87 11.36 0.98
N THR B 311 29.24 11.05 -0.26
CA THR B 311 30.62 10.71 -0.58
C THR B 311 31.56 11.87 -0.26
N ARG B 312 31.19 13.07 -0.67
CA ARG B 312 32.01 14.24 -0.41
C ARG B 312 32.11 14.55 1.07
N TYR B 313 31.04 14.26 1.80
CA TYR B 313 31.02 14.49 3.24
C TYR B 313 31.99 13.57 3.97
N LEU B 314 31.95 12.28 3.64
CA LEU B 314 32.86 11.32 4.25
C LEU B 314 34.31 11.61 3.90
N VAL B 315 34.56 11.89 2.63
CA VAL B 315 35.91 12.21 2.18
C VAL B 315 36.45 13.43 2.92
N GLU B 316 35.58 14.41 3.14
CA GLU B 316 35.96 15.64 3.83
C GLU B 316 36.23 15.41 5.31
N ASN B 317 35.46 14.53 5.94
CA ASN B 317 35.54 14.35 7.38
C ASN B 317 36.24 13.07 7.83
N CYS B 318 36.46 12.15 6.90
CA CYS B 318 37.08 10.86 7.24
C CYS B 318 38.28 10.57 6.35
N ASN B 319 38.45 11.36 5.30
CA ASN B 319 39.54 11.18 4.37
C ASN B 319 39.50 9.81 3.68
N CYS B 320 38.29 9.30 3.53
CA CYS B 320 38.06 8.02 2.88
C CYS B 320 36.58 7.89 2.51
N ARG B 321 36.28 6.95 1.63
CA ARG B 321 34.90 6.68 1.22
C ARG B 321 34.54 5.26 1.59
N MET B 322 33.28 5.02 1.93
CA MET B 322 32.80 3.66 2.09
C MET B 322 32.87 2.98 0.73
N VAL B 323 33.08 1.66 0.73
CA VAL B 323 33.44 0.96 -0.49
C VAL B 323 32.38 0.97 -1.60
N HIS B 324 31.17 1.35 -1.25
CA HIS B 324 30.08 1.37 -2.22
C HIS B 324 29.90 2.74 -2.87
N MET B 325 30.72 3.70 -2.45
CA MET B 325 30.58 5.07 -2.95
C MET B 325 31.45 5.30 -4.18
N PRO B 326 31.00 6.21 -5.06
CA PRO B 326 31.71 6.55 -6.30
C PRO B 326 32.98 7.36 -6.02
N GLY B 327 33.72 7.68 -7.06
CA GLY B 327 34.92 8.49 -6.93
C GLY B 327 36.20 7.68 -6.91
N ASP B 328 37.30 8.33 -6.53
CA ASP B 328 38.60 7.67 -6.50
C ASP B 328 39.33 7.88 -5.18
N ALA B 329 38.58 8.27 -4.15
CA ALA B 329 39.15 8.43 -2.82
C ALA B 329 39.49 7.06 -2.25
N PRO B 330 40.48 7.02 -1.35
CA PRO B 330 40.88 5.74 -0.74
C PRO B 330 39.72 5.08 0.02
N TYR B 331 39.65 3.76 -0.05
CA TYR B 331 38.63 3.01 0.68
C TYR B 331 38.88 3.08 2.18
N CYS B 332 37.81 3.23 2.95
CA CYS B 332 37.92 3.26 4.40
C CYS B 332 38.34 1.90 4.93
N THR B 333 39.24 1.90 5.92
CA THR B 333 39.61 0.67 6.61
C THR B 333 38.51 0.29 7.59
N PRO B 334 38.49 -0.97 8.03
CA PRO B 334 37.52 -1.39 9.03
C PRO B 334 37.54 -0.46 10.24
N GLU B 335 38.73 -0.02 10.65
CA GLU B 335 38.86 0.89 11.78
C GLU B 335 38.19 2.24 11.49
N GLN B 336 38.40 2.74 10.28
CA GLN B 336 37.78 3.99 9.86
C GLN B 336 36.26 3.88 9.79
N TYR B 337 35.78 2.76 9.24
CA TYR B 337 34.36 2.47 9.21
C TYR B 337 33.77 2.67 10.59
N LYS B 338 34.39 2.02 11.58
CA LYS B 338 33.88 1.99 12.94
C LYS B 338 34.00 3.34 13.65
N GLU B 339 35.15 3.99 13.48
CA GLU B 339 35.44 5.20 14.23
C GLU B 339 34.95 6.49 13.58
N CYS B 340 34.84 6.49 12.25
CA CYS B 340 34.53 7.73 11.54
C CYS B 340 33.41 7.60 10.50
N ALA B 341 33.59 6.69 9.54
CA ALA B 341 32.69 6.61 8.39
C ALA B 341 31.24 6.31 8.76
N ASP B 342 31.02 5.23 9.51
CA ASP B 342 29.66 4.83 9.90
C ASP B 342 28.93 5.93 10.67
N PRO B 343 29.58 6.47 11.72
CA PRO B 343 28.93 7.57 12.46
C PRO B 343 28.62 8.74 11.53
N ALA B 344 29.52 9.04 10.61
CA ALA B 344 29.35 10.16 9.69
C ALA B 344 28.15 9.95 8.78
N LEU B 345 28.07 8.80 8.14
CA LEU B 345 26.96 8.50 7.25
C LEU B 345 25.64 8.42 8.02
N ASP B 346 25.69 7.81 9.20
CA ASP B 346 24.50 7.75 10.06
C ASP B 346 24.00 9.15 10.37
N PHE B 347 24.91 10.06 10.68
CA PHE B 347 24.54 11.44 10.94
C PHE B 347 23.77 12.04 9.77
N LEU B 348 24.27 11.80 8.56
CA LEU B 348 23.66 12.35 7.36
C LEU B 348 22.25 11.82 7.11
N VAL B 349 22.07 10.51 7.24
CA VAL B 349 20.79 9.89 6.93
C VAL B 349 19.82 9.90 8.11
N GLU B 350 20.25 10.43 9.25
CA GLU B 350 19.40 10.46 10.44
C GLU B 350 19.16 11.86 10.99
N LYS B 351 20.23 12.57 11.32
CA LYS B 351 20.11 13.86 12.00
C LYS B 351 20.23 15.08 11.09
N ASP B 352 21.11 14.98 10.08
CA ASP B 352 21.43 16.12 9.23
C ASP B 352 20.21 16.85 8.65
N ASN B 353 20.28 18.19 8.67
CA ASN B 353 19.25 19.02 8.08
C ASN B 353 19.84 20.12 7.19
N GLU B 354 21.17 20.13 7.08
CA GLU B 354 21.87 21.24 6.45
C GLU B 354 22.72 20.82 5.25
N TYR B 355 23.49 19.76 5.42
CA TYR B 355 24.53 19.40 4.46
C TYR B 355 24.02 18.77 3.17
N CYS B 356 23.33 17.64 3.28
CA CYS B 356 22.86 16.93 2.09
C CYS B 356 21.37 17.14 1.83
N VAL B 357 20.99 18.38 1.54
CA VAL B 357 19.63 18.71 1.13
C VAL B 357 19.58 18.88 -0.38
N CYS B 358 18.91 17.94 -1.05
CA CYS B 358 18.84 17.96 -2.51
C CYS B 358 17.59 18.67 -3.02
N GLU B 359 17.72 19.31 -4.17
CA GLU B 359 16.58 19.98 -4.80
C GLU B 359 15.81 19.05 -5.73
N MET B 360 14.53 19.37 -5.94
CA MET B 360 13.64 18.53 -6.74
C MET B 360 14.12 18.37 -8.17
N PRO B 361 14.12 17.13 -8.67
CA PRO B 361 14.42 16.85 -10.08
C PRO B 361 13.24 17.27 -10.94
N CYS B 362 13.49 17.63 -12.19
CA CYS B 362 12.41 18.01 -13.11
C CYS B 362 11.67 16.77 -13.62
N ASN B 363 12.28 15.61 -13.41
CA ASN B 363 11.74 14.37 -13.93
C ASN B 363 11.90 13.23 -12.93
N VAL B 364 10.79 12.79 -12.35
CA VAL B 364 10.80 11.73 -11.35
C VAL B 364 9.90 10.57 -11.74
N THR B 365 10.38 9.35 -11.54
CA THR B 365 9.58 8.16 -11.77
C THR B 365 9.36 7.40 -10.46
N ARG B 366 8.11 7.38 -10.03
CA ARG B 366 7.73 6.70 -8.78
C ARG B 366 6.98 5.42 -9.09
N TYR B 367 7.15 4.41 -8.24
CA TYR B 367 6.45 3.14 -8.42
C TYR B 367 5.54 2.82 -7.24
N GLY B 368 4.23 2.97 -7.44
CA GLY B 368 3.25 2.58 -6.44
C GLY B 368 3.28 1.08 -6.23
N LYS B 369 3.17 0.65 -4.98
CA LYS B 369 3.27 -0.77 -4.65
C LYS B 369 2.15 -1.24 -3.73
N GLU B 370 1.59 -2.41 -4.03
CA GLU B 370 0.67 -3.07 -3.13
C GLU B 370 1.17 -4.49 -2.86
N LEU B 371 1.57 -4.76 -1.62
CA LEU B 371 2.11 -6.07 -1.26
C LEU B 371 1.09 -6.96 -0.58
N SER B 372 1.18 -8.25 -0.87
CA SER B 372 0.40 -9.27 -0.20
C SER B 372 1.23 -10.54 -0.20
N MET B 373 0.82 -11.55 0.57
CA MET B 373 1.63 -12.76 0.66
C MET B 373 0.86 -14.02 1.02
N VAL B 374 1.41 -15.15 0.60
CA VAL B 374 0.92 -16.47 1.01
C VAL B 374 2.10 -17.26 1.56
N LYS B 375 1.81 -18.37 2.22
CA LYS B 375 2.86 -19.15 2.88
C LYS B 375 3.51 -20.17 1.95
N ILE B 376 4.82 -20.32 2.08
CA ILE B 376 5.57 -21.35 1.36
C ILE B 376 6.59 -21.98 2.31
N PRO B 377 6.70 -23.32 2.26
CA PRO B 377 5.90 -24.20 1.40
C PRO B 377 4.66 -24.70 2.12
N SER B 378 3.72 -25.24 1.36
CA SER B 378 2.59 -25.95 1.95
C SER B 378 3.08 -27.31 2.40
N LYS B 379 2.38 -27.92 3.34
CA LYS B 379 2.74 -29.26 3.80
C LYS B 379 2.88 -30.23 2.64
N ALA B 380 2.05 -30.06 1.62
CA ALA B 380 2.00 -30.99 0.50
C ALA B 380 3.15 -30.84 -0.49
N SER B 381 3.82 -29.69 -0.46
CA SER B 381 4.90 -29.42 -1.41
C SER B 381 6.28 -29.38 -0.77
N ALA B 382 6.32 -29.40 0.56
CA ALA B 382 7.57 -29.29 1.29
C ALA B 382 8.58 -30.35 0.89
N LYS B 383 8.15 -31.61 0.88
CA LYS B 383 9.05 -32.70 0.57
C LYS B 383 9.59 -32.60 -0.85
N TYR B 384 8.77 -32.14 -1.78
CA TYR B 384 9.21 -31.95 -3.16
C TYR B 384 10.35 -30.95 -3.24
N LEU B 385 10.17 -29.79 -2.63
CA LEU B 385 11.18 -28.75 -2.64
C LEU B 385 12.44 -29.17 -1.88
N ALA B 386 12.25 -29.83 -0.75
CA ALA B 386 13.37 -30.32 0.05
C ALA B 386 14.26 -31.25 -0.75
N LYS B 387 13.66 -32.22 -1.42
CA LYS B 387 14.42 -33.16 -2.23
C LYS B 387 15.04 -32.48 -3.45
N LYS B 388 14.30 -31.54 -4.04
CA LYS B 388 14.76 -30.86 -5.25
C LYS B 388 16.06 -30.09 -5.04
N TYR B 389 16.11 -29.31 -3.96
CA TYR B 389 17.27 -28.48 -3.69
C TYR B 389 18.18 -29.08 -2.63
N ASN B 390 17.92 -30.35 -2.29
CA ASN B 390 18.76 -31.08 -1.34
C ASN B 390 18.86 -30.40 0.02
N LYS B 391 17.71 -30.06 0.58
CA LYS B 391 17.65 -29.48 1.93
C LYS B 391 16.62 -30.24 2.77
N SER B 392 16.54 -29.89 4.04
CA SER B 392 15.52 -30.45 4.91
C SER B 392 14.24 -29.63 4.78
N GLU B 393 13.10 -30.25 5.09
CA GLU B 393 11.82 -29.55 4.99
C GLU B 393 11.81 -28.30 5.87
N GLN B 394 12.46 -28.38 7.02
CA GLN B 394 12.51 -27.24 7.93
C GLN B 394 13.33 -26.11 7.33
N TYR B 395 14.46 -26.45 6.72
CA TYR B 395 15.31 -25.47 6.07
C TYR B 395 14.51 -24.69 5.03
N ILE B 396 13.77 -25.41 4.21
CA ILE B 396 12.95 -24.79 3.17
C ILE B 396 12.05 -23.71 3.75
N GLY B 397 11.37 -24.05 4.85
CA GLY B 397 10.44 -23.13 5.48
C GLY B 397 11.10 -21.90 6.06
N GLU B 398 12.39 -22.00 6.40
CA GLU B 398 13.11 -20.91 7.03
C GLU B 398 13.90 -20.05 6.05
N ASN B 399 14.15 -20.57 4.85
CA ASN B 399 15.08 -19.91 3.94
C ASN B 399 14.52 -19.57 2.56
N ILE B 400 13.55 -20.35 2.09
CA ILE B 400 13.01 -20.14 0.75
C ILE B 400 11.98 -19.02 0.73
N LEU B 401 12.03 -18.20 -0.32
CA LEU B 401 11.02 -17.18 -0.54
C LEU B 401 10.76 -17.00 -2.02
N VAL B 402 9.54 -16.63 -2.37
CA VAL B 402 9.20 -16.34 -3.74
C VAL B 402 8.74 -14.89 -3.87
N LEU B 403 9.30 -14.19 -4.85
CA LEU B 403 8.98 -12.78 -5.06
C LEU B 403 8.39 -12.57 -6.44
N ASP B 404 7.21 -11.95 -6.48
CA ASP B 404 6.55 -11.63 -7.75
C ASP B 404 6.38 -10.13 -7.92
N ILE B 405 7.01 -9.59 -8.96
CA ILE B 405 6.92 -8.17 -9.25
C ILE B 405 6.28 -7.93 -10.61
N PHE B 406 5.12 -7.28 -10.60
CA PHE B 406 4.34 -7.08 -11.83
C PHE B 406 3.52 -5.79 -11.74
N PHE B 407 2.80 -5.49 -12.81
CA PHE B 407 1.97 -4.30 -12.86
C PHE B 407 0.49 -4.62 -12.97
N GLU B 408 -0.35 -3.73 -12.46
CA GLU B 408 -1.79 -3.86 -12.60
C GLU B 408 -2.25 -3.38 -13.98
N ALA B 409 -3.53 -3.53 -14.26
CA ALA B 409 -4.08 -3.13 -15.56
C ALA B 409 -3.79 -1.66 -15.85
N LEU B 410 -4.25 -0.78 -14.95
CA LEU B 410 -3.92 0.64 -15.05
C LEU B 410 -2.49 0.84 -14.57
N ASN B 411 -1.54 0.66 -15.48
CA ASN B 411 -0.13 0.56 -15.12
C ASN B 411 0.65 1.87 -15.20
N TYR B 412 0.02 2.92 -15.71
CA TYR B 412 0.74 4.16 -15.99
C TYR B 412 -0.02 5.40 -15.56
N GLU B 413 0.61 6.22 -14.74
CA GLU B 413 0.03 7.47 -14.30
C GLU B 413 1.01 8.63 -14.53
N THR B 414 0.49 9.73 -15.06
CA THR B 414 1.32 10.90 -15.30
C THR B 414 0.82 12.11 -14.51
N ILE B 415 1.75 12.80 -13.87
CA ILE B 415 1.45 14.02 -13.13
C ILE B 415 2.42 15.10 -13.60
N GLU B 416 1.99 15.90 -14.57
CA GLU B 416 2.88 16.86 -15.21
C GLU B 416 2.47 18.31 -14.96
N GLN B 417 3.44 19.13 -14.55
CA GLN B 417 3.24 20.56 -14.40
C GLN B 417 3.35 21.25 -15.75
N LYS B 418 2.30 21.98 -16.14
CA LYS B 418 2.28 22.70 -17.41
C LYS B 418 2.07 24.19 -17.15
N LYS B 419 2.66 25.06 -17.95
CA LYS B 419 2.52 26.49 -17.72
C LYS B 419 1.07 26.97 -17.90
N ALA B 420 0.58 27.72 -16.92
CA ALA B 420 -0.84 28.12 -16.91
C ALA B 420 -1.16 29.34 -17.76
N TYR B 421 -0.25 30.32 -17.79
CA TYR B 421 -0.51 31.55 -18.55
C TYR B 421 0.66 31.91 -19.45
N GLU B 422 0.71 31.32 -20.64
CA GLU B 422 1.78 31.60 -21.59
C GLU B 422 1.57 32.97 -22.25
N VAL B 423 2.65 33.54 -22.77
CA VAL B 423 2.62 34.89 -23.32
C VAL B 423 1.58 35.05 -24.43
N ALA B 424 1.48 34.02 -25.29
CA ALA B 424 0.52 34.04 -26.38
C ALA B 424 -0.91 34.14 -25.86
N GLY B 425 -1.18 33.39 -24.79
CA GLY B 425 -2.49 33.43 -24.17
C GLY B 425 -2.79 34.80 -23.60
N LEU B 426 -1.78 35.41 -22.98
CA LEU B 426 -1.91 36.74 -22.41
C LEU B 426 -2.31 37.78 -23.45
N LEU B 427 -1.63 37.75 -24.58
CA LEU B 427 -1.85 38.73 -25.64
C LEU B 427 -3.30 38.72 -26.14
N GLY B 428 -3.85 37.54 -26.34
CA GLY B 428 -5.20 37.40 -26.84
C GLY B 428 -6.24 38.07 -25.96
N ASP B 429 -6.13 37.86 -24.65
CA ASP B 429 -7.06 38.45 -23.69
C ASP B 429 -6.93 39.97 -23.65
N ILE B 430 -5.71 40.46 -23.79
CA ILE B 430 -5.43 41.88 -23.67
C ILE B 430 -5.37 42.59 -25.02
N GLY B 431 -5.23 41.81 -26.08
CA GLY B 431 -5.14 42.35 -27.43
C GLY B 431 -6.19 43.39 -27.76
N GLY B 432 -7.44 43.12 -27.40
CA GLY B 432 -8.54 44.01 -27.70
C GLY B 432 -8.41 45.38 -27.05
N GLN B 433 -8.06 45.42 -25.77
CA GLN B 433 -7.96 46.66 -25.02
C GLN B 433 -6.61 47.35 -25.18
N MET B 434 -5.55 46.56 -25.36
CA MET B 434 -4.21 47.12 -25.48
C MET B 434 -4.09 48.12 -26.63
N GLY B 435 -4.93 47.93 -27.66
CA GLY B 435 -4.90 48.79 -28.82
C GLY B 435 -5.88 49.95 -28.71
N LEU B 436 -6.98 49.72 -28.01
CA LEU B 436 -7.99 50.75 -27.80
C LEU B 436 -7.58 51.67 -26.66
N PHE B 437 -6.30 51.59 -26.30
CA PHE B 437 -5.72 52.44 -25.27
C PHE B 437 -4.46 53.11 -25.82
N ILE B 438 -3.71 52.37 -26.63
CA ILE B 438 -2.54 52.90 -27.31
C ILE B 438 -3.00 53.77 -28.48
N GLY B 439 -4.25 53.58 -28.89
CA GLY B 439 -4.88 54.45 -29.86
C GLY B 439 -5.39 55.69 -29.15
N ALA B 440 -5.82 55.52 -27.91
CA ALA B 440 -6.27 56.63 -27.09
C ALA B 440 -5.10 57.27 -26.37
N SER B 441 -3.90 56.84 -26.71
CA SER B 441 -2.68 57.40 -26.15
C SER B 441 -2.02 58.33 -27.16
N ILE B 442 -2.05 57.94 -28.43
CA ILE B 442 -1.60 58.81 -29.51
C ILE B 442 -2.72 59.80 -29.82
N LEU B 443 -3.84 59.62 -29.12
CA LEU B 443 -5.02 60.46 -29.33
C LEU B 443 -5.01 61.66 -28.39
N THR B 444 -4.55 61.44 -27.16
CA THR B 444 -4.47 62.52 -26.18
C THR B 444 -3.24 63.37 -26.45
N VAL B 445 -2.27 62.78 -27.14
CA VAL B 445 -1.06 63.50 -27.55
C VAL B 445 -1.30 64.17 -28.90
N LEU B 446 -2.47 63.88 -29.49
CA LEU B 446 -2.88 64.51 -30.74
C LEU B 446 -3.70 65.76 -30.46
N GLU B 447 -4.44 65.73 -29.37
CA GLU B 447 -5.22 66.89 -28.93
C GLU B 447 -4.29 68.04 -28.56
N LEU B 448 -3.13 67.68 -28.01
CA LEU B 448 -2.13 68.67 -27.61
C LEU B 448 -1.09 68.87 -28.70
N VAL C 41 -6.11 60.29 -37.94
CA VAL C 41 -5.88 58.94 -38.46
C VAL C 41 -5.80 57.92 -37.34
N VAL C 42 -5.56 58.39 -36.12
CA VAL C 42 -5.43 57.52 -34.97
C VAL C 42 -6.66 56.64 -34.77
N TRP C 43 -7.84 57.24 -34.90
CA TRP C 43 -9.09 56.50 -34.80
C TRP C 43 -9.16 55.43 -35.88
N ALA C 44 -8.77 55.79 -37.10
CA ALA C 44 -8.76 54.86 -38.22
C ALA C 44 -7.82 53.69 -37.94
N LEU C 45 -6.67 54.00 -37.36
CA LEU C 45 -5.70 52.97 -37.00
C LEU C 45 -6.29 52.02 -35.95
N CYS C 46 -7.01 52.59 -34.99
CA CYS C 46 -7.67 51.80 -33.96
C CYS C 46 -8.71 50.86 -34.55
N PHE C 47 -9.48 51.38 -35.51
CA PHE C 47 -10.50 50.58 -36.18
C PHE C 47 -9.85 49.41 -36.92
N MET C 48 -8.76 49.71 -37.62
CA MET C 48 -8.03 48.69 -38.37
C MET C 48 -7.50 47.60 -37.43
N GLY C 49 -7.01 48.03 -36.26
CA GLY C 49 -6.50 47.10 -35.28
C GLY C 49 -7.61 46.25 -34.69
N SER C 50 -8.78 46.85 -34.50
CA SER C 50 -9.94 46.14 -33.97
C SER C 50 -10.30 44.95 -34.85
N LEU C 51 -10.15 45.11 -36.15
CA LEU C 51 -10.41 44.03 -37.09
C LEU C 51 -9.34 42.94 -36.96
N ALA C 52 -8.09 43.37 -36.82
CA ALA C 52 -6.96 42.45 -36.76
C ALA C 52 -6.90 41.68 -35.44
N LEU C 53 -7.71 42.09 -34.46
CA LEU C 53 -7.78 41.37 -33.20
C LEU C 53 -8.86 40.31 -33.25
N LEU C 54 -9.99 40.64 -33.88
CA LEU C 54 -11.08 39.70 -34.06
C LEU C 54 -10.66 38.62 -35.04
N ALA C 55 -9.58 38.89 -35.77
CA ALA C 55 -9.07 37.96 -36.75
C ALA C 55 -8.18 36.91 -36.09
N LEU C 56 -7.10 37.35 -35.45
CA LEU C 56 -6.19 36.45 -34.76
C LEU C 56 -6.90 35.68 -33.66
N VAL C 57 -7.48 36.43 -32.72
CA VAL C 57 -8.06 35.85 -31.51
C VAL C 57 -9.17 34.82 -31.77
N CYS C 58 -9.94 35.03 -32.83
CA CYS C 58 -10.99 34.07 -33.18
C CYS C 58 -10.42 32.88 -33.94
N THR C 59 -9.24 33.06 -34.53
CA THR C 59 -8.54 31.99 -35.23
C THR C 59 -7.76 31.13 -34.25
N ASN C 60 -7.32 31.76 -33.17
CA ASN C 60 -6.65 31.04 -32.09
C ASN C 60 -7.56 29.94 -31.56
N ARG C 61 -8.86 30.21 -31.58
CA ARG C 61 -9.86 29.33 -30.97
C ARG C 61 -10.18 28.10 -31.81
N ILE C 62 -10.67 28.29 -33.02
CA ILE C 62 -11.07 27.17 -33.87
C ILE C 62 -9.96 26.12 -34.00
N GLN C 63 -8.72 26.58 -34.12
CA GLN C 63 -7.59 25.66 -34.15
C GLN C 63 -7.47 24.90 -32.84
N TYR C 64 -7.67 25.61 -31.74
CA TYR C 64 -7.61 25.00 -30.42
C TYR C 64 -8.77 24.04 -30.19
N TYR C 65 -9.95 24.43 -30.69
CA TYR C 65 -11.14 23.58 -30.57
C TYR C 65 -10.94 22.25 -31.29
N PHE C 66 -10.29 22.28 -32.45
CA PHE C 66 -10.14 21.11 -33.29
C PHE C 66 -9.00 20.17 -32.88
N LEU C 67 -8.26 20.57 -31.85
CA LEU C 67 -7.28 19.71 -31.20
C LEU C 67 -8.02 18.80 -30.23
N TYR C 68 -9.29 19.10 -30.01
CA TYR C 68 -10.14 18.35 -29.09
C TYR C 68 -9.42 18.05 -27.78
N PRO C 69 -9.07 19.12 -27.03
CA PRO C 69 -8.35 18.98 -25.76
C PRO C 69 -9.29 18.53 -24.65
N HIS C 70 -8.71 18.02 -23.57
CA HIS C 70 -9.50 17.57 -22.43
C HIS C 70 -8.83 18.00 -21.13
N VAL C 71 -9.61 18.00 -20.05
CA VAL C 71 -9.06 18.19 -18.72
C VAL C 71 -9.50 17.02 -17.85
N THR C 72 -8.68 16.68 -16.86
CA THR C 72 -8.99 15.57 -15.99
C THR C 72 -9.32 16.07 -14.58
N LYS C 73 -10.59 16.03 -14.22
CA LYS C 73 -11.04 16.51 -12.92
C LYS C 73 -10.85 15.43 -11.84
N LEU C 74 -10.09 15.80 -10.82
CA LEU C 74 -9.82 14.90 -9.70
C LEU C 74 -10.55 15.36 -8.45
N ASP C 75 -11.10 14.41 -7.69
CA ASP C 75 -11.70 14.72 -6.40
C ASP C 75 -11.74 13.50 -5.48
N GLU C 76 -11.49 13.75 -4.21
CA GLU C 76 -11.38 12.69 -3.21
C GLU C 76 -12.23 13.05 -2.00
N VAL C 77 -13.31 12.30 -1.80
CA VAL C 77 -14.27 12.65 -0.76
C VAL C 77 -14.72 11.44 0.06
N ALA C 78 -15.46 11.71 1.13
CA ALA C 78 -16.13 10.66 1.88
C ALA C 78 -17.55 10.53 1.37
N ALA C 79 -17.76 9.56 0.48
CA ALA C 79 -19.08 9.32 -0.07
C ALA C 79 -19.97 8.63 0.93
N THR C 80 -21.28 8.94 0.87
CA THR C 80 -22.26 8.20 1.65
C THR C 80 -22.85 7.11 0.76
N ARG C 81 -23.41 6.08 1.38
CA ARG C 81 -24.00 4.98 0.64
C ARG C 81 -23.08 4.49 -0.48
N LEU C 82 -21.85 4.18 -0.14
CA LEU C 82 -20.92 3.59 -1.09
C LEU C 82 -21.31 2.15 -1.35
N THR C 83 -21.31 1.76 -2.62
CA THR C 83 -21.67 0.39 -2.99
C THR C 83 -20.50 -0.56 -2.74
N PHE C 84 -20.70 -1.52 -1.85
CA PHE C 84 -19.65 -2.48 -1.52
C PHE C 84 -19.34 -3.35 -2.73
N PRO C 85 -18.04 -3.59 -2.97
CA PRO C 85 -17.59 -4.34 -4.15
C PRO C 85 -17.86 -5.84 -4.00
N ALA C 86 -17.56 -6.58 -5.06
CA ALA C 86 -17.61 -8.04 -5.00
C ALA C 86 -16.26 -8.55 -4.53
N VAL C 87 -16.26 -9.61 -3.74
CA VAL C 87 -15.02 -10.21 -3.25
C VAL C 87 -14.94 -11.67 -3.64
N THR C 88 -14.00 -11.98 -4.53
CA THR C 88 -13.80 -13.34 -5.00
C THR C 88 -12.54 -13.93 -4.37
N PHE C 89 -12.60 -15.19 -3.96
CA PHE C 89 -11.41 -15.85 -3.42
C PHE C 89 -11.31 -17.32 -3.83
N CYS C 90 -10.08 -17.80 -3.92
CA CYS C 90 -9.81 -19.19 -4.28
C CYS C 90 -8.83 -19.80 -3.28
N ASN C 91 -9.00 -21.08 -3.01
CA ASN C 91 -7.98 -21.81 -2.27
C ASN C 91 -6.85 -22.13 -3.24
N LEU C 92 -5.61 -21.89 -2.82
CA LEU C 92 -4.47 -22.14 -3.70
C LEU C 92 -4.38 -23.59 -4.13
N ASN C 93 -5.00 -24.48 -3.35
CA ASN C 93 -5.09 -25.89 -3.70
C ASN C 93 -6.37 -26.16 -4.50
N GLU C 94 -6.23 -26.81 -5.64
CA GLU C 94 -7.34 -26.96 -6.57
C GLU C 94 -8.21 -28.20 -6.37
N PHE C 95 -7.62 -29.28 -5.86
CA PHE C 95 -8.37 -30.52 -5.67
C PHE C 95 -8.16 -31.12 -4.30
N ARG C 96 -9.25 -31.40 -3.59
CA ARG C 96 -9.16 -32.06 -2.29
C ARG C 96 -8.72 -33.50 -2.45
N PHE C 97 -7.59 -33.83 -1.81
CA PHE C 97 -6.99 -35.15 -1.94
C PHE C 97 -8.00 -36.28 -1.71
N SER C 98 -8.88 -36.10 -0.73
CA SER C 98 -9.83 -37.15 -0.37
C SER C 98 -10.98 -37.33 -1.37
N ARG C 99 -11.15 -36.38 -2.30
CA ARG C 99 -12.23 -36.50 -3.28
C ARG C 99 -11.71 -37.03 -4.62
N VAL C 100 -10.41 -37.19 -4.76
CA VAL C 100 -9.86 -37.73 -6.01
C VAL C 100 -10.12 -39.22 -6.08
N THR C 101 -10.93 -39.64 -7.05
CA THR C 101 -11.30 -41.05 -7.19
C THR C 101 -10.34 -41.78 -8.12
N LYS C 102 -10.48 -43.09 -8.20
CA LYS C 102 -9.66 -43.90 -9.07
C LYS C 102 -9.82 -43.43 -10.52
N ASN C 103 -11.05 -43.14 -10.90
CA ASN C 103 -11.32 -42.66 -12.25
C ASN C 103 -10.71 -41.28 -12.49
N ASP C 104 -10.80 -40.42 -11.48
CA ASP C 104 -10.18 -39.10 -11.54
C ASP C 104 -8.69 -39.23 -11.79
N LEU C 105 -8.02 -40.02 -10.96
CA LEU C 105 -6.58 -40.22 -11.06
C LEU C 105 -6.20 -40.76 -12.44
N TYR C 106 -7.05 -41.63 -12.98
CA TYR C 106 -6.79 -42.23 -14.28
C TYR C 106 -6.75 -41.21 -15.40
N HIS C 107 -7.64 -40.23 -15.35
CA HIS C 107 -7.75 -39.24 -16.41
C HIS C 107 -6.86 -38.02 -16.18
N ALA C 108 -6.86 -37.50 -14.95
CA ALA C 108 -6.14 -36.27 -14.64
C ALA C 108 -4.81 -36.55 -13.95
N GLY C 109 -4.46 -37.82 -13.84
CA GLY C 109 -3.24 -38.22 -13.14
C GLY C 109 -1.99 -37.55 -13.67
N GLU C 110 -1.75 -37.70 -14.97
CA GLU C 110 -0.55 -37.13 -15.58
C GLU C 110 -0.56 -35.61 -15.52
N LEU C 111 -1.74 -35.02 -15.64
CA LEU C 111 -1.87 -33.57 -15.58
C LEU C 111 -1.45 -33.03 -14.21
N LEU C 112 -1.78 -33.79 -13.16
CA LEU C 112 -1.50 -33.36 -11.80
C LEU C 112 -0.15 -33.85 -11.31
N ALA C 113 0.61 -34.47 -12.21
CA ALA C 113 1.95 -34.97 -11.90
C ALA C 113 1.94 -36.12 -10.90
N LEU C 114 0.77 -36.75 -10.73
CA LEU C 114 0.65 -37.90 -9.83
C LEU C 114 0.91 -39.20 -10.58
N LEU C 115 0.93 -39.14 -11.91
CA LEU C 115 1.19 -40.30 -12.74
C LEU C 115 2.10 -39.92 -13.91
N ASN C 116 2.81 -40.90 -14.44
CA ASN C 116 3.61 -40.68 -15.64
C ASN C 116 2.79 -40.99 -16.89
N ASN C 117 3.44 -40.99 -18.06
CA ASN C 117 2.74 -41.19 -19.31
C ASN C 117 2.28 -42.64 -19.54
N ARG C 118 2.57 -43.50 -18.58
CA ARG C 118 2.14 -44.90 -18.67
C ARG C 118 1.29 -45.31 -17.47
N TYR C 119 0.56 -44.34 -16.92
CA TYR C 119 -0.41 -44.59 -15.87
C TYR C 119 0.17 -45.23 -14.60
N GLU C 120 1.46 -45.04 -14.38
CA GLU C 120 2.12 -45.55 -13.19
C GLU C 120 2.48 -44.41 -12.25
N ILE C 121 2.51 -44.69 -10.95
CA ILE C 121 2.99 -43.72 -9.98
C ILE C 121 4.46 -43.46 -10.24
N PRO C 122 4.82 -42.19 -10.45
CA PRO C 122 6.15 -41.75 -10.87
C PRO C 122 7.27 -42.30 -9.99
N ASP C 123 8.42 -42.52 -10.61
CA ASP C 123 9.62 -42.94 -9.92
C ASP C 123 10.06 -41.86 -8.94
N THR C 124 9.89 -40.61 -9.34
CA THR C 124 10.41 -39.47 -8.61
C THR C 124 9.43 -38.85 -7.61
N GLN C 125 8.47 -39.64 -7.13
CA GLN C 125 7.49 -39.14 -6.17
C GLN C 125 8.13 -38.80 -4.82
N THR C 126 7.65 -37.71 -4.21
CA THR C 126 8.18 -37.26 -2.93
C THR C 126 7.05 -37.12 -1.91
N ALA C 127 6.41 -38.23 -1.58
CA ALA C 127 5.28 -38.21 -0.67
C ALA C 127 5.59 -38.89 0.65
N ASP C 128 4.85 -38.53 1.69
CA ASP C 128 4.94 -39.22 2.96
C ASP C 128 4.35 -40.62 2.76
N GLU C 129 4.81 -41.58 3.56
CA GLU C 129 4.44 -42.98 3.34
C GLU C 129 2.94 -43.25 3.36
N LYS C 130 2.21 -42.59 4.24
CA LYS C 130 0.78 -42.80 4.35
C LYS C 130 0.05 -42.39 3.08
N GLN C 131 0.39 -41.23 2.55
CA GLN C 131 -0.23 -40.72 1.32
C GLN C 131 0.20 -41.54 0.11
N LEU C 132 1.47 -41.90 0.06
CA LEU C 132 1.97 -42.74 -1.03
C LEU C 132 1.19 -44.05 -1.07
N GLU C 133 0.94 -44.61 0.12
CA GLU C 133 0.22 -45.87 0.23
C GLU C 133 -1.24 -45.73 -0.18
N ILE C 134 -1.83 -44.56 0.06
CA ILE C 134 -3.19 -44.30 -0.37
C ILE C 134 -3.26 -44.17 -1.89
N LEU C 135 -2.25 -43.53 -2.47
CA LEU C 135 -2.21 -43.29 -3.91
C LEU C 135 -1.88 -44.56 -4.71
N GLN C 136 -0.95 -45.35 -4.21
CA GLN C 136 -0.57 -46.60 -4.86
C GLN C 136 -1.79 -47.50 -4.99
N ASP C 137 -2.68 -47.41 -4.01
CA ASP C 137 -3.92 -48.17 -4.04
C ASP C 137 -4.85 -47.59 -5.10
N LYS C 138 -5.02 -46.28 -5.09
CA LYS C 138 -5.84 -45.59 -6.08
C LYS C 138 -5.34 -45.85 -7.49
N ALA C 139 -4.02 -45.88 -7.66
CA ALA C 139 -3.40 -46.01 -8.97
C ALA C 139 -3.38 -47.45 -9.48
N ASN C 140 -3.97 -48.35 -8.71
CA ASN C 140 -4.11 -49.74 -9.13
C ASN C 140 -5.21 -49.89 -10.17
N PHE C 141 -4.82 -49.99 -11.44
CA PHE C 141 -5.80 -49.99 -12.52
C PHE C 141 -6.05 -51.37 -13.13
N ARG C 142 -5.59 -52.43 -12.45
CA ARG C 142 -5.87 -53.78 -12.90
C ARG C 142 -7.37 -54.02 -12.92
N ASN C 143 -7.87 -54.51 -14.05
CA ASN C 143 -9.30 -54.77 -14.22
C ASN C 143 -10.16 -53.52 -14.12
N PHE C 144 -9.54 -52.36 -14.33
CA PHE C 144 -10.25 -51.09 -14.23
C PHE C 144 -10.79 -50.61 -15.56
N LYS C 145 -12.10 -50.39 -15.61
CA LYS C 145 -12.75 -49.85 -16.81
C LYS C 145 -13.03 -48.37 -16.62
N PRO C 146 -12.32 -47.52 -17.38
CA PRO C 146 -12.49 -46.06 -17.28
C PRO C 146 -13.91 -45.61 -17.59
N LYS C 147 -14.35 -44.54 -16.92
CA LYS C 147 -15.70 -44.03 -17.10
C LYS C 147 -15.65 -42.55 -17.44
N PRO C 148 -16.63 -42.06 -18.20
CA PRO C 148 -16.61 -40.68 -18.69
C PRO C 148 -16.12 -39.68 -17.64
N PHE C 149 -15.20 -38.82 -18.05
CA PHE C 149 -14.59 -37.84 -17.15
C PHE C 149 -14.62 -36.44 -17.76
N ASN C 150 -14.68 -35.44 -16.89
CA ASN C 150 -14.91 -34.06 -17.27
C ASN C 150 -14.25 -33.10 -16.26
N MET C 151 -13.38 -32.20 -16.72
CA MET C 151 -12.66 -31.31 -15.80
C MET C 151 -13.57 -30.44 -14.96
N LEU C 152 -14.67 -29.97 -15.56
CA LEU C 152 -15.61 -29.12 -14.83
C LEU C 152 -16.25 -29.89 -13.68
N GLU C 153 -16.73 -31.09 -13.97
CA GLU C 153 -17.30 -31.96 -12.94
C GLU C 153 -16.26 -32.23 -11.86
N PHE C 154 -15.03 -32.47 -12.28
CA PHE C 154 -13.93 -32.74 -11.37
C PHE C 154 -13.70 -31.57 -10.42
N TYR C 155 -13.60 -30.37 -10.99
CA TYR C 155 -13.43 -29.16 -10.18
C TYR C 155 -14.59 -28.98 -9.21
N ASP C 156 -15.81 -29.11 -9.74
CA ASP C 156 -17.01 -28.87 -8.94
C ASP C 156 -17.15 -29.84 -7.78
N ARG C 157 -16.68 -31.07 -7.98
CA ARG C 157 -16.82 -32.12 -6.97
C ARG C 157 -15.64 -32.20 -6.01
N ALA C 158 -14.43 -31.96 -6.53
CA ALA C 158 -13.22 -32.13 -5.74
C ALA C 158 -12.69 -30.81 -5.16
N GLY C 159 -13.10 -29.69 -5.75
CA GLY C 159 -12.68 -28.39 -5.28
C GLY C 159 -13.12 -28.15 -3.85
N HIS C 160 -12.40 -27.30 -3.14
CA HIS C 160 -12.73 -27.01 -1.75
C HIS C 160 -14.15 -26.47 -1.61
N ASP C 161 -14.83 -26.94 -0.56
CA ASP C 161 -16.23 -26.58 -0.33
C ASP C 161 -16.35 -25.38 0.61
N ILE C 162 -16.98 -24.32 0.13
CA ILE C 162 -17.18 -23.11 0.94
C ILE C 162 -17.85 -23.48 2.27
N ARG C 163 -18.70 -24.50 2.24
CA ARG C 163 -19.40 -24.96 3.43
C ARG C 163 -18.43 -25.50 4.48
N GLU C 164 -17.25 -25.93 4.04
CA GLU C 164 -16.24 -26.44 4.96
C GLU C 164 -15.20 -25.38 5.31
N MET C 165 -14.85 -24.55 4.34
CA MET C 165 -13.83 -23.51 4.53
C MET C 165 -14.32 -22.36 5.41
N LEU C 166 -15.59 -21.99 5.25
CA LEU C 166 -16.14 -20.82 5.93
C LEU C 166 -16.50 -21.13 7.38
N LEU C 167 -15.65 -20.68 8.30
CA LEU C 167 -15.89 -20.90 9.73
C LEU C 167 -16.84 -19.85 10.31
N SER C 168 -16.67 -18.60 9.88
CA SER C 168 -17.54 -17.53 10.32
C SER C 168 -17.54 -16.41 9.29
N CYS C 169 -18.63 -15.66 9.21
CA CYS C 169 -18.76 -14.59 8.24
C CYS C 169 -19.69 -13.50 8.76
N PHE C 170 -19.20 -12.26 8.74
CA PHE C 170 -20.00 -11.12 9.16
C PHE C 170 -19.82 -9.92 8.23
N PHE C 171 -20.94 -9.31 7.85
CA PHE C 171 -20.90 -8.06 7.10
C PHE C 171 -21.74 -7.01 7.80
N ARG C 172 -21.10 -5.94 8.23
CA ARG C 172 -21.77 -4.86 8.93
C ARG C 172 -22.69 -5.37 10.03
N GLY C 173 -22.15 -6.19 10.92
CA GLY C 173 -22.89 -6.67 12.07
C GLY C 173 -23.86 -7.80 11.79
N GLU C 174 -24.03 -8.13 10.52
CA GLU C 174 -24.95 -9.19 10.12
C GLU C 174 -24.20 -10.47 9.79
N GLN C 175 -24.71 -11.60 10.29
CA GLN C 175 -24.10 -12.89 10.02
C GLN C 175 -24.43 -13.36 8.61
N CYS C 176 -23.40 -13.66 7.82
CA CYS C 176 -23.59 -14.21 6.48
C CYS C 176 -23.23 -15.69 6.46
N SER C 177 -23.63 -16.37 5.39
CA SER C 177 -23.46 -17.82 5.31
C SER C 177 -22.94 -18.28 3.95
N PRO C 178 -22.63 -19.58 3.81
CA PRO C 178 -22.14 -20.12 2.54
C PRO C 178 -23.07 -19.78 1.38
N GLU C 179 -24.36 -19.69 1.65
CA GLU C 179 -25.34 -19.37 0.62
C GLU C 179 -25.13 -17.96 0.07
N ASP C 180 -24.45 -17.13 0.84
CA ASP C 180 -24.18 -15.75 0.42
C ASP C 180 -22.99 -15.67 -0.52
N PHE C 181 -22.37 -16.82 -0.79
CA PHE C 181 -21.24 -16.89 -1.71
C PHE C 181 -21.66 -17.60 -2.99
N LYS C 182 -21.34 -16.99 -4.14
CA LYS C 182 -21.66 -17.61 -5.42
C LYS C 182 -20.46 -18.36 -5.99
N VAL C 183 -20.72 -19.55 -6.53
CA VAL C 183 -19.68 -20.35 -7.15
C VAL C 183 -19.27 -19.75 -8.49
N VAL C 184 -17.97 -19.54 -8.66
CA VAL C 184 -17.44 -19.06 -9.93
C VAL C 184 -16.17 -19.83 -10.28
N PHE C 185 -16.13 -20.37 -11.49
CA PHE C 185 -14.98 -21.15 -11.92
C PHE C 185 -13.92 -20.27 -12.58
N THR C 186 -12.70 -20.37 -12.07
CA THR C 186 -11.56 -19.63 -12.59
C THR C 186 -10.46 -20.60 -12.96
N ARG C 187 -9.28 -20.10 -13.29
CA ARG C 187 -8.17 -21.00 -13.60
C ARG C 187 -7.71 -21.75 -12.36
N TYR C 188 -7.97 -21.18 -11.19
CA TYR C 188 -7.66 -21.86 -9.93
C TYR C 188 -8.69 -22.97 -9.67
N GLY C 189 -9.75 -22.99 -10.47
CA GLY C 189 -10.78 -23.98 -10.31
C GLY C 189 -12.05 -23.42 -9.67
N LYS C 190 -12.51 -24.08 -8.61
CA LYS C 190 -13.77 -23.71 -7.97
C LYS C 190 -13.58 -22.61 -6.93
N CYS C 191 -14.02 -21.40 -7.26
CA CYS C 191 -13.87 -20.25 -6.38
C CYS C 191 -15.22 -19.69 -5.95
N TYR C 192 -15.19 -18.73 -5.03
CA TYR C 192 -16.42 -18.17 -4.49
C TYR C 192 -16.40 -16.64 -4.45
N THR C 193 -17.54 -16.03 -4.77
CA THR C 193 -17.65 -14.58 -4.77
C THR C 193 -18.69 -14.10 -3.77
N PHE C 194 -18.26 -13.23 -2.86
CA PHE C 194 -19.17 -12.60 -1.91
C PHE C 194 -19.76 -11.35 -2.52
N ASN C 195 -21.07 -11.16 -2.35
CA ASN C 195 -21.75 -9.99 -2.88
C ASN C 195 -21.61 -9.88 -4.40
N ALA C 196 -21.78 -11.00 -5.09
CA ALA C 196 -21.65 -11.05 -6.54
C ALA C 196 -22.69 -10.17 -7.23
N GLY C 197 -23.83 -9.98 -6.57
CA GLY C 197 -24.89 -9.13 -7.08
C GLY C 197 -25.66 -9.74 -8.23
N GLN C 198 -25.63 -11.06 -8.34
CA GLN C 198 -26.33 -11.75 -9.42
C GLN C 198 -27.59 -12.44 -8.90
N ASP C 199 -27.88 -12.24 -7.61
CA ASP C 199 -29.06 -12.82 -6.98
C ASP C 199 -30.27 -11.89 -7.09
N GLY C 200 -30.03 -10.64 -7.44
CA GLY C 200 -31.09 -9.65 -7.51
C GLY C 200 -31.45 -9.15 -6.12
N LYS C 201 -30.63 -9.51 -5.14
CA LYS C 201 -30.81 -9.07 -3.78
C LYS C 201 -30.48 -7.58 -3.65
N PRO C 202 -31.01 -6.92 -2.61
CA PRO C 202 -30.73 -5.49 -2.39
C PRO C 202 -29.25 -5.25 -2.15
N ARG C 203 -28.75 -4.13 -2.65
CA ARG C 203 -27.33 -3.81 -2.57
C ARG C 203 -26.80 -3.75 -1.14
N LEU C 204 -25.58 -4.24 -0.97
CA LEU C 204 -24.84 -4.03 0.27
C LEU C 204 -24.11 -2.70 0.19
N ILE C 205 -24.28 -1.86 1.20
CA ILE C 205 -23.67 -0.54 1.19
C ILE C 205 -22.81 -0.25 2.42
N THR C 206 -21.77 0.53 2.21
CA THR C 206 -20.88 0.98 3.28
C THR C 206 -21.11 2.47 3.50
N MET C 207 -20.99 2.92 4.74
CA MET C 207 -21.27 4.32 5.04
C MET C 207 -20.22 4.97 5.93
N LYS C 208 -19.60 4.19 6.81
CA LYS C 208 -18.59 4.72 7.71
C LYS C 208 -17.24 4.06 7.48
N GLY C 209 -16.17 4.72 7.90
CA GLY C 209 -14.83 4.19 7.76
C GLY C 209 -14.52 3.19 8.85
N GLY C 210 -13.77 2.14 8.51
CA GLY C 210 -13.35 1.17 9.50
C GLY C 210 -13.88 -0.24 9.29
N THR C 211 -13.29 -1.18 10.01
CA THR C 211 -13.63 -2.59 9.88
C THR C 211 -15.12 -2.87 10.11
N GLY C 212 -15.73 -2.13 11.03
CA GLY C 212 -17.12 -2.36 11.39
C GLY C 212 -18.08 -2.29 10.21
N ASN C 213 -17.76 -1.45 9.23
CA ASN C 213 -18.63 -1.27 8.07
C ASN C 213 -18.21 -2.13 6.89
N GLY C 214 -17.48 -3.21 7.16
CA GLY C 214 -16.98 -4.07 6.11
C GLY C 214 -17.24 -5.54 6.32
N LEU C 215 -16.42 -6.36 5.67
CA LEU C 215 -16.57 -7.81 5.70
C LEU C 215 -15.47 -8.46 6.54
N GLU C 216 -15.85 -9.41 7.38
CA GLU C 216 -14.87 -10.23 8.09
C GLU C 216 -15.21 -11.71 7.98
N ILE C 217 -14.30 -12.48 7.41
CA ILE C 217 -14.48 -13.92 7.27
C ILE C 217 -13.31 -14.68 7.89
N MET C 218 -13.62 -15.76 8.59
CA MET C 218 -12.60 -16.67 9.09
C MET C 218 -12.60 -17.94 8.25
N LEU C 219 -11.47 -18.24 7.62
CA LEU C 219 -11.37 -19.38 6.73
C LEU C 219 -10.48 -20.49 7.27
N ASP C 220 -10.78 -21.72 6.85
CA ASP C 220 -9.93 -22.87 7.11
C ASP C 220 -9.49 -23.42 5.76
N ILE C 221 -8.22 -23.21 5.41
CA ILE C 221 -7.72 -23.57 4.08
C ILE C 221 -7.56 -25.08 3.89
N GLN C 222 -7.65 -25.84 4.98
CA GLN C 222 -7.65 -27.30 4.91
C GLN C 222 -6.41 -27.88 4.23
N GLN C 223 -5.23 -27.65 4.79
CA GLN C 223 -4.01 -28.19 4.21
C GLN C 223 -3.97 -29.72 4.22
N ASP C 224 -4.69 -30.33 5.15
CA ASP C 224 -4.75 -31.78 5.22
C ASP C 224 -5.44 -32.37 3.98
N GLU C 225 -6.02 -31.50 3.17
CA GLU C 225 -6.71 -31.91 1.95
C GLU C 225 -5.92 -31.56 0.70
N TYR C 226 -4.82 -30.82 0.87
CA TYR C 226 -3.98 -30.42 -0.25
C TYR C 226 -3.46 -31.64 -1.01
N LEU C 227 -3.53 -31.58 -2.33
CA LEU C 227 -3.03 -32.64 -3.18
C LEU C 227 -1.51 -32.71 -3.08
N PRO C 228 -0.96 -33.91 -2.91
CA PRO C 228 0.50 -34.07 -2.86
C PRO C 228 1.15 -33.46 -4.09
N VAL C 229 2.23 -32.71 -3.89
CA VAL C 229 2.94 -32.08 -4.99
C VAL C 229 4.22 -32.84 -5.32
N TRP C 230 4.25 -33.46 -6.49
CA TRP C 230 5.38 -34.29 -6.90
C TRP C 230 6.13 -33.68 -8.09
N GLY C 231 5.63 -32.56 -8.58
CA GLY C 231 6.24 -31.90 -9.72
C GLY C 231 5.66 -30.52 -9.96
N GLU C 232 6.09 -29.89 -11.04
CA GLU C 232 5.63 -28.54 -11.35
C GLU C 232 4.64 -28.54 -12.51
N THR C 233 3.41 -28.11 -12.21
CA THR C 233 2.38 -28.01 -13.24
C THR C 233 1.58 -26.74 -13.03
N ASP C 234 0.75 -26.39 -14.01
CA ASP C 234 -0.07 -25.19 -13.92
C ASP C 234 -1.24 -25.36 -12.96
N GLU C 235 -1.43 -26.58 -12.46
CA GLU C 235 -2.54 -26.86 -11.56
C GLU C 235 -2.10 -27.12 -10.12
N THR C 236 -0.79 -27.21 -9.91
CA THR C 236 -0.24 -27.41 -8.57
C THR C 236 0.50 -26.16 -8.10
N SER C 237 0.76 -26.06 -6.80
CA SER C 237 1.48 -24.92 -6.24
C SER C 237 2.31 -25.29 -5.03
N PHE C 238 3.34 -24.49 -4.77
CA PHE C 238 4.20 -24.70 -3.61
C PHE C 238 3.64 -23.99 -2.39
N GLU C 239 2.61 -23.17 -2.60
CA GLU C 239 2.12 -22.28 -1.55
C GLU C 239 0.83 -22.74 -0.89
N ALA C 240 0.60 -22.25 0.32
CA ALA C 240 -0.63 -22.50 1.06
C ALA C 240 -1.28 -21.18 1.41
N GLY C 241 -2.60 -21.13 1.28
CA GLY C 241 -3.36 -19.91 1.54
C GLY C 241 -4.44 -19.70 0.51
N ILE C 242 -4.83 -18.45 0.31
CA ILE C 242 -5.87 -18.13 -0.67
C ILE C 242 -5.48 -16.94 -1.52
N LYS C 243 -6.10 -16.86 -2.70
CA LYS C 243 -5.95 -15.71 -3.57
C LYS C 243 -7.27 -14.93 -3.53
N VAL C 244 -7.19 -13.61 -3.47
CA VAL C 244 -8.39 -12.79 -3.37
C VAL C 244 -8.37 -11.67 -4.39
N GLN C 245 -9.54 -11.34 -4.92
CA GLN C 245 -9.68 -10.19 -5.81
C GLN C 245 -10.91 -9.36 -5.50
N ILE C 246 -10.70 -8.09 -5.21
CA ILE C 246 -11.79 -7.15 -5.00
C ILE C 246 -12.08 -6.45 -6.31
N HIS C 247 -13.34 -6.54 -6.76
CA HIS C 247 -13.70 -6.01 -8.07
C HIS C 247 -15.17 -5.59 -8.15
N SER C 248 -15.45 -4.65 -9.04
CA SER C 248 -16.81 -4.24 -9.31
C SER C 248 -17.63 -5.44 -9.76
N GLN C 249 -18.93 -5.39 -9.51
CA GLN C 249 -19.79 -6.54 -9.72
C GLN C 249 -20.09 -6.80 -11.20
N ASP C 250 -19.89 -5.79 -12.03
CA ASP C 250 -20.13 -5.94 -13.46
C ASP C 250 -18.85 -6.30 -14.19
N GLU C 251 -17.80 -6.62 -13.43
CA GLU C 251 -16.51 -7.01 -13.98
C GLU C 251 -16.13 -8.40 -13.48
N PRO C 252 -15.90 -9.34 -14.41
CA PRO C 252 -15.51 -10.69 -14.01
C PRO C 252 -14.12 -10.70 -13.40
N PRO C 253 -13.83 -11.67 -12.54
CA PRO C 253 -12.50 -11.77 -11.92
C PRO C 253 -11.46 -12.38 -12.87
N LEU C 254 -10.22 -11.93 -12.72
CA LEU C 254 -9.09 -12.57 -13.39
C LEU C 254 -8.07 -12.87 -12.30
N ILE C 255 -8.46 -13.77 -11.40
CA ILE C 255 -7.80 -13.91 -10.10
C ILE C 255 -6.39 -14.50 -10.15
N ASP C 256 -6.10 -15.32 -11.16
CA ASP C 256 -4.76 -15.90 -11.27
C ASP C 256 -3.72 -14.84 -11.66
N GLN C 257 -4.19 -13.74 -12.23
CA GLN C 257 -3.30 -12.69 -12.71
C GLN C 257 -3.31 -11.45 -11.82
N LEU C 258 -4.49 -11.05 -11.35
CA LEU C 258 -4.66 -9.76 -10.69
C LEU C 258 -4.96 -9.86 -9.20
N GLY C 259 -5.07 -11.07 -8.68
CA GLY C 259 -5.41 -11.25 -7.28
C GLY C 259 -4.31 -10.84 -6.32
N PHE C 260 -4.65 -10.77 -5.04
CA PHE C 260 -3.64 -10.59 -3.99
C PHE C 260 -3.71 -11.77 -3.03
N GLY C 261 -2.62 -12.02 -2.31
CA GLY C 261 -2.55 -13.18 -1.44
C GLY C 261 -2.92 -12.90 -0.01
N VAL C 262 -3.47 -13.92 0.65
CA VAL C 262 -3.74 -13.86 2.08
C VAL C 262 -3.19 -15.14 2.71
N ALA C 263 -2.39 -15.00 3.75
CA ALA C 263 -1.69 -16.13 4.33
C ALA C 263 -2.41 -16.72 5.55
N PRO C 264 -2.30 -18.04 5.74
CA PRO C 264 -2.83 -18.70 6.93
C PRO C 264 -2.02 -18.29 8.16
N GLY C 265 -2.65 -18.31 9.32
CA GLY C 265 -1.97 -17.95 10.55
C GLY C 265 -1.94 -16.46 10.82
N PHE C 266 -2.72 -15.71 10.06
CA PHE C 266 -2.80 -14.26 10.25
C PHE C 266 -4.23 -13.75 10.15
N GLN C 267 -4.48 -12.61 10.80
CA GLN C 267 -5.64 -11.82 10.46
C GLN C 267 -5.16 -10.71 9.56
N THR C 268 -5.70 -10.65 8.35
CA THR C 268 -5.26 -9.66 7.37
C THR C 268 -6.27 -8.52 7.23
N PHE C 269 -5.78 -7.30 7.39
CA PHE C 269 -6.62 -6.12 7.24
C PHE C 269 -6.43 -5.49 5.87
N VAL C 270 -7.53 -5.28 5.16
CA VAL C 270 -7.48 -4.67 3.84
C VAL C 270 -8.30 -3.38 3.80
N SER C 271 -7.64 -2.25 4.02
CA SER C 271 -8.30 -0.96 3.97
C SER C 271 -8.37 -0.47 2.51
N CYS C 272 -9.57 -0.21 2.03
CA CYS C 272 -9.78 0.09 0.62
C CYS C 272 -10.27 1.50 0.34
N GLN C 273 -10.07 1.92 -0.90
CA GLN C 273 -10.62 3.18 -1.40
C GLN C 273 -11.09 2.96 -2.83
N GLU C 274 -12.37 3.24 -3.08
CA GLU C 274 -12.92 3.07 -4.42
C GLU C 274 -12.54 4.25 -5.31
N GLN C 275 -12.03 3.94 -6.50
CA GLN C 275 -11.61 4.97 -7.44
C GLN C 275 -12.32 4.82 -8.78
N ARG C 276 -13.16 5.79 -9.09
CA ARG C 276 -13.94 5.79 -10.33
C ARG C 276 -13.22 6.60 -11.40
N LEU C 277 -12.88 5.96 -12.50
CA LEU C 277 -12.19 6.63 -13.60
C LEU C 277 -13.04 6.67 -14.86
N ILE C 278 -13.24 7.86 -15.40
CA ILE C 278 -14.03 8.04 -16.60
C ILE C 278 -13.15 8.60 -17.72
N TYR C 279 -13.27 8.02 -18.90
CA TYR C 279 -12.46 8.45 -20.04
C TYR C 279 -13.32 8.89 -21.21
N LEU C 280 -12.76 9.75 -22.06
CA LEU C 280 -13.45 10.21 -23.25
C LEU C 280 -13.12 9.34 -24.45
N PRO C 281 -14.11 9.10 -25.32
CA PRO C 281 -13.90 8.39 -26.58
C PRO C 281 -13.29 9.32 -27.61
N PRO C 282 -12.91 8.80 -28.78
CA PRO C 282 -12.43 9.71 -29.84
C PRO C 282 -13.52 10.71 -30.20
N PRO C 283 -13.14 11.92 -30.62
CA PRO C 283 -11.75 12.35 -30.87
C PRO C 283 -10.98 12.78 -29.62
N TRP C 284 -11.65 12.96 -28.49
CA TRP C 284 -10.99 13.45 -27.28
C TRP C 284 -10.04 12.42 -26.67
N GLY C 285 -10.42 11.15 -26.73
CA GLY C 285 -9.64 10.09 -26.09
C GLY C 285 -9.52 8.80 -26.88
N ASP C 286 -9.26 7.70 -26.18
CA ASP C 286 -8.99 6.42 -26.82
C ASP C 286 -9.94 5.30 -26.39
N CYS C 287 -10.85 5.59 -25.46
CA CYS C 287 -11.65 4.54 -24.83
C CYS C 287 -12.70 3.90 -25.72
N LYS C 288 -13.17 2.73 -25.32
CA LYS C 288 -14.29 2.05 -25.98
C LYS C 288 -15.46 1.93 -25.01
N ALA C 289 -16.64 2.36 -25.46
CA ALA C 289 -17.84 2.28 -24.64
C ALA C 289 -18.44 0.87 -24.70
N THR C 290 -19.04 0.43 -23.60
CA THR C 290 -19.65 -0.89 -23.51
C THR C 290 -20.30 -1.33 -24.82
N PHE C 296 -20.22 -12.44 -24.59
CA PHE C 296 -19.88 -13.24 -23.42
C PHE C 296 -20.13 -12.48 -22.11
N TYR C 297 -19.99 -11.16 -22.15
CA TYR C 297 -20.20 -10.33 -20.97
C TYR C 297 -21.03 -9.09 -21.29
N ASP C 298 -21.60 -8.47 -20.25
CA ASP C 298 -22.59 -7.40 -20.44
C ASP C 298 -22.02 -5.99 -20.45
N THR C 299 -20.98 -5.75 -19.66
CA THR C 299 -20.31 -4.45 -19.64
C THR C 299 -18.87 -4.61 -20.10
N TYR C 300 -18.36 -3.62 -20.84
CA TYR C 300 -16.98 -3.71 -21.30
C TYR C 300 -15.98 -3.45 -20.19
N SER C 301 -15.03 -4.38 -20.05
CA SER C 301 -13.94 -4.23 -19.09
C SER C 301 -12.73 -4.93 -19.68
N ILE C 302 -11.55 -4.50 -19.29
CA ILE C 302 -10.31 -5.10 -19.79
C ILE C 302 -10.34 -6.62 -19.57
N THR C 303 -10.74 -7.03 -18.37
CA THR C 303 -10.81 -8.44 -18.03
C THR C 303 -11.77 -9.20 -18.95
N ALA C 304 -13.00 -8.70 -19.05
CA ALA C 304 -13.99 -9.31 -19.91
C ALA C 304 -13.42 -9.47 -21.32
N CYS C 305 -12.68 -8.46 -21.76
CA CYS C 305 -12.06 -8.48 -23.09
C CYS C 305 -11.01 -9.58 -23.19
N ARG C 306 -10.17 -9.69 -22.16
CA ARG C 306 -9.11 -10.69 -22.15
C ARG C 306 -9.69 -12.11 -22.14
N ILE C 307 -10.64 -12.35 -21.26
CA ILE C 307 -11.27 -13.67 -21.17
C ILE C 307 -11.87 -14.06 -22.51
N ASP C 308 -12.65 -13.15 -23.11
CA ASP C 308 -13.23 -13.39 -24.41
C ASP C 308 -12.15 -13.73 -25.44
N CYS C 309 -11.08 -12.94 -25.44
CA CYS C 309 -9.99 -13.15 -26.38
C CYS C 309 -9.28 -14.48 -26.14
N GLU C 310 -8.96 -14.76 -24.89
CA GLU C 310 -8.29 -16.00 -24.53
C GLU C 310 -9.10 -17.22 -24.96
N THR C 311 -10.41 -17.15 -24.77
CA THR C 311 -11.30 -18.25 -25.15
C THR C 311 -11.22 -18.52 -26.64
N ARG C 312 -11.32 -17.47 -27.45
CA ARG C 312 -11.25 -17.61 -28.90
C ARG C 312 -9.90 -18.20 -29.32
N TYR C 313 -8.84 -17.77 -28.63
CA TYR C 313 -7.49 -18.22 -28.97
C TYR C 313 -7.34 -19.72 -28.74
N LEU C 314 -7.79 -20.19 -27.58
CA LEU C 314 -7.70 -21.62 -27.27
C LEU C 314 -8.56 -22.44 -28.22
N VAL C 315 -9.79 -21.99 -28.47
CA VAL C 315 -10.68 -22.68 -29.37
C VAL C 315 -10.07 -22.78 -30.76
N GLU C 316 -9.40 -21.71 -31.19
CA GLU C 316 -8.78 -21.67 -32.50
C GLU C 316 -7.56 -22.59 -32.60
N ASN C 317 -6.80 -22.68 -31.51
CA ASN C 317 -5.54 -23.42 -31.54
C ASN C 317 -5.56 -24.78 -30.85
N CYS C 318 -6.62 -25.04 -30.08
CA CYS C 318 -6.72 -26.29 -29.33
C CYS C 318 -8.04 -27.02 -29.59
N ASN C 319 -8.96 -26.35 -30.28
CA ASN C 319 -10.29 -26.90 -30.54
C ASN C 319 -11.05 -27.24 -29.27
N CYS C 320 -10.77 -26.51 -28.20
CA CYS C 320 -11.43 -26.70 -26.93
C CYS C 320 -11.19 -25.48 -26.05
N ARG C 321 -11.99 -25.36 -25.00
CA ARG C 321 -11.84 -24.27 -24.04
C ARG C 321 -11.54 -24.86 -22.67
N MET C 322 -10.77 -24.14 -21.86
CA MET C 322 -10.60 -24.53 -20.47
C MET C 322 -11.96 -24.38 -19.78
N VAL C 323 -12.21 -25.19 -18.77
CA VAL C 323 -13.55 -25.34 -18.22
C VAL C 323 -14.14 -24.07 -17.58
N HIS C 324 -13.29 -23.08 -17.32
CA HIS C 324 -13.75 -21.86 -16.69
C HIS C 324 -14.09 -20.77 -17.71
N MET C 325 -13.90 -21.07 -18.98
CA MET C 325 -14.14 -20.10 -20.04
C MET C 325 -15.58 -20.14 -20.55
N PRO C 326 -16.08 -18.99 -21.02
CA PRO C 326 -17.44 -18.87 -21.54
C PRO C 326 -17.59 -19.55 -22.90
N GLY C 327 -18.80 -19.55 -23.44
CA GLY C 327 -19.04 -20.11 -24.76
C GLY C 327 -19.63 -21.51 -24.71
N ASP C 328 -19.65 -22.17 -25.87
CA ASP C 328 -20.22 -23.51 -25.97
C ASP C 328 -19.28 -24.48 -26.65
N ALA C 329 -17.99 -24.13 -26.71
CA ALA C 329 -16.99 -25.02 -27.25
C ALA C 329 -16.78 -26.21 -26.32
N PRO C 330 -16.36 -27.35 -26.87
CA PRO C 330 -16.12 -28.54 -26.04
C PRO C 330 -15.06 -28.29 -24.97
N TYR C 331 -15.26 -28.86 -23.79
CA TYR C 331 -14.29 -28.75 -22.71
C TYR C 331 -13.01 -29.52 -23.05
N CYS C 332 -11.87 -28.93 -22.73
CA CYS C 332 -10.59 -29.59 -22.94
C CYS C 332 -10.44 -30.82 -22.04
N THR C 333 -9.89 -31.89 -22.60
CA THR C 333 -9.57 -33.06 -21.81
C THR C 333 -8.30 -32.80 -21.02
N PRO C 334 -8.05 -33.59 -19.97
CA PRO C 334 -6.80 -33.47 -19.23
C PRO C 334 -5.58 -33.51 -20.16
N GLU C 335 -5.64 -34.36 -21.18
CA GLU C 335 -4.55 -34.46 -22.14
C GLU C 335 -4.38 -33.16 -22.92
N GLN C 336 -5.49 -32.57 -23.33
CA GLN C 336 -5.47 -31.31 -24.06
C GLN C 336 -4.96 -30.17 -23.18
N TYR C 337 -5.40 -30.14 -21.92
CA TYR C 337 -4.90 -29.18 -20.96
C TYR C 337 -3.38 -29.19 -20.97
N LYS C 338 -2.82 -30.39 -20.82
CA LYS C 338 -1.38 -30.56 -20.68
C LYS C 338 -0.62 -30.27 -21.97
N GLU C 339 -1.14 -30.74 -23.09
CA GLU C 339 -0.42 -30.67 -24.35
C GLU C 339 -0.65 -29.39 -25.14
N CYS C 340 -1.82 -28.77 -24.96
CA CYS C 340 -2.19 -27.62 -25.79
C CYS C 340 -2.72 -26.42 -25.00
N ALA C 341 -3.77 -26.62 -24.23
CA ALA C 341 -4.47 -25.51 -23.57
C ALA C 341 -3.59 -24.70 -22.62
N ASP C 342 -2.96 -25.37 -21.66
CA ASP C 342 -2.11 -24.68 -20.68
C ASP C 342 -0.98 -23.89 -21.33
N PRO C 343 -0.21 -24.53 -22.23
CA PRO C 343 0.85 -23.79 -22.92
C PRO C 343 0.28 -22.58 -23.68
N ALA C 344 -0.88 -22.77 -24.30
CA ALA C 344 -1.52 -21.70 -25.07
C ALA C 344 -1.89 -20.51 -24.19
N LEU C 345 -2.59 -20.78 -23.09
CA LEU C 345 -3.00 -19.72 -22.19
C LEU C 345 -1.78 -19.05 -21.54
N ASP C 346 -0.80 -19.87 -21.17
CA ASP C 346 0.43 -19.34 -20.59
C ASP C 346 1.10 -18.37 -21.56
N PHE C 347 1.13 -18.74 -22.84
CA PHE C 347 1.70 -17.86 -23.86
C PHE C 347 1.00 -16.51 -23.87
N LEU C 348 -0.32 -16.52 -23.80
CA LEU C 348 -1.10 -15.29 -23.84
C LEU C 348 -0.83 -14.38 -22.65
N VAL C 349 -0.81 -14.96 -21.45
CA VAL C 349 -0.66 -14.16 -20.23
C VAL C 349 0.79 -13.89 -19.87
N GLU C 350 1.72 -14.40 -20.66
CA GLU C 350 3.14 -14.23 -20.38
C GLU C 350 3.92 -13.56 -21.51
N LYS C 351 3.88 -14.16 -22.70
CA LYS C 351 4.71 -13.70 -23.80
C LYS C 351 3.98 -12.81 -24.82
N ASP C 352 2.72 -13.12 -25.08
CA ASP C 352 1.96 -12.46 -26.14
C ASP C 352 2.01 -10.93 -26.08
N ASN C 353 2.15 -10.31 -27.26
CA ASN C 353 2.14 -8.87 -27.39
C ASN C 353 1.23 -8.42 -28.54
N GLU C 354 0.60 -9.38 -29.21
CA GLU C 354 -0.11 -9.11 -30.45
C GLU C 354 -1.58 -9.49 -30.41
N TYR C 355 -1.87 -10.68 -29.88
CA TYR C 355 -3.21 -11.28 -30.01
C TYR C 355 -4.26 -10.68 -29.09
N CYS C 356 -4.03 -10.76 -27.78
CA CYS C 356 -5.01 -10.27 -26.82
C CYS C 356 -4.63 -8.91 -26.21
N VAL C 357 -4.60 -7.89 -27.07
CA VAL C 357 -4.38 -6.53 -26.61
C VAL C 357 -5.71 -5.78 -26.58
N CYS C 358 -6.18 -5.48 -25.38
CA CYS C 358 -7.47 -4.83 -25.20
C CYS C 358 -7.36 -3.31 -25.13
N GLU C 359 -8.37 -2.62 -25.63
CA GLU C 359 -8.40 -1.15 -25.57
C GLU C 359 -9.06 -0.65 -24.27
N MET C 360 -8.71 0.56 -23.89
CA MET C 360 -9.18 1.15 -22.63
C MET C 360 -10.71 1.29 -22.59
N PRO C 361 -11.31 0.86 -21.47
CA PRO C 361 -12.74 1.06 -21.25
C PRO C 361 -13.01 2.53 -20.93
N CYS C 362 -14.21 3.01 -21.24
CA CYS C 362 -14.55 4.40 -20.92
C CYS C 362 -14.89 4.55 -19.45
N ASN C 363 -15.09 3.42 -18.77
CA ASN C 363 -15.51 3.42 -17.38
C ASN C 363 -14.78 2.33 -16.59
N VAL C 364 -13.88 2.74 -15.70
CA VAL C 364 -13.12 1.79 -14.90
C VAL C 364 -13.26 2.06 -13.41
N THR C 365 -13.42 0.99 -12.63
CA THR C 365 -13.46 1.11 -11.19
C THR C 365 -12.28 0.37 -10.56
N ARG C 366 -11.38 1.14 -9.94
CA ARG C 366 -10.20 0.59 -9.30
C ARG C 366 -10.34 0.65 -7.80
N TYR C 367 -9.76 -0.33 -7.11
CA TYR C 367 -9.80 -0.35 -5.64
C TYR C 367 -8.40 -0.29 -5.02
N GLY C 368 -8.05 0.87 -4.47
CA GLY C 368 -6.81 1.03 -3.75
C GLY C 368 -6.82 0.16 -2.49
N LYS C 369 -5.69 -0.46 -2.20
CA LYS C 369 -5.60 -1.38 -1.06
C LYS C 369 -4.38 -1.13 -0.19
N GLU C 370 -4.59 -1.16 1.11
CA GLU C 370 -3.48 -1.15 2.07
C GLU C 370 -3.62 -2.35 3.00
N LEU C 371 -2.68 -3.29 2.90
CA LEU C 371 -2.73 -4.51 3.71
C LEU C 371 -1.81 -4.44 4.92
N SER C 372 -2.29 -5.05 6.01
CA SER C 372 -1.48 -5.23 7.21
C SER C 372 -1.97 -6.50 7.88
N MET C 373 -1.24 -6.99 8.87
CA MET C 373 -1.62 -8.25 9.49
C MET C 373 -1.15 -8.44 10.94
N VAL C 374 -1.89 -9.26 11.67
CA VAL C 374 -1.51 -9.70 12.99
C VAL C 374 -1.57 -11.23 13.04
N LYS C 375 -1.00 -11.82 14.07
CA LYS C 375 -0.92 -13.28 14.17
C LYS C 375 -2.19 -13.90 14.75
N ILE C 376 -2.55 -15.06 14.22
CA ILE C 376 -3.63 -15.85 14.80
C ILE C 376 -3.26 -17.33 14.74
N PRO C 377 -3.50 -18.06 15.83
CA PRO C 377 -4.08 -17.55 17.06
C PRO C 377 -3.00 -17.13 18.04
N SER C 378 -3.38 -16.37 19.07
CA SER C 378 -2.50 -16.10 20.18
C SER C 378 -2.46 -17.34 21.06
N LYS C 379 -1.40 -17.48 21.85
CA LYS C 379 -1.29 -18.61 22.77
C LYS C 379 -2.52 -18.74 23.63
N ALA C 380 -3.10 -17.61 24.01
CA ALA C 380 -4.22 -17.58 24.96
C ALA C 380 -5.55 -17.99 24.34
N SER C 381 -5.65 -17.95 23.02
CA SER C 381 -6.90 -18.25 22.34
C SER C 381 -6.86 -19.55 21.53
N ALA C 382 -5.66 -20.12 21.40
CA ALA C 382 -5.48 -21.33 20.60
C ALA C 382 -6.39 -22.46 21.04
N LYS C 383 -6.38 -22.76 22.33
CA LYS C 383 -7.15 -23.88 22.86
C LYS C 383 -8.65 -23.68 22.63
N TYR C 384 -9.10 -22.43 22.74
CA TYR C 384 -10.52 -22.12 22.51
C TYR C 384 -10.92 -22.46 21.09
N LEU C 385 -10.14 -21.99 20.11
CA LEU C 385 -10.42 -22.24 18.71
C LEU C 385 -10.28 -23.71 18.37
N ALA C 386 -9.27 -24.36 18.93
CA ALA C 386 -9.04 -25.78 18.68
C ALA C 386 -10.24 -26.60 19.11
N LYS C 387 -10.73 -26.33 20.32
CA LYS C 387 -11.88 -27.05 20.86
C LYS C 387 -13.16 -26.70 20.10
N LYS C 388 -13.27 -25.46 19.66
CA LYS C 388 -14.48 -25.00 18.99
C LYS C 388 -14.71 -25.69 17.65
N TYR C 389 -13.65 -25.76 16.85
CA TYR C 389 -13.76 -26.35 15.51
C TYR C 389 -13.23 -27.78 15.47
N ASN C 390 -12.97 -28.34 16.64
CA ASN C 390 -12.54 -29.73 16.75
C ASN C 390 -11.26 -30.03 15.98
N LYS C 391 -10.24 -29.20 16.21
CA LYS C 391 -8.92 -29.40 15.61
C LYS C 391 -7.86 -29.33 16.69
N SER C 392 -6.61 -29.60 16.30
CA SER C 392 -5.49 -29.45 17.22
C SER C 392 -5.00 -28.01 17.18
N GLU C 393 -4.35 -27.58 18.25
CA GLU C 393 -3.83 -26.22 18.30
C GLU C 393 -2.87 -25.93 17.16
N GLN C 394 -2.09 -26.93 16.76
CA GLN C 394 -1.15 -26.76 15.67
C GLN C 394 -1.88 -26.59 14.34
N TYR C 395 -2.92 -27.39 14.14
CA TYR C 395 -3.73 -27.28 12.93
C TYR C 395 -4.26 -25.86 12.77
N ILE C 396 -4.81 -25.32 13.86
CA ILE C 396 -5.34 -23.96 13.84
C ILE C 396 -4.32 -22.97 13.31
N GLY C 397 -3.09 -23.06 13.83
CA GLY C 397 -2.04 -22.14 13.44
C GLY C 397 -1.61 -22.26 11.99
N GLU C 398 -1.83 -23.43 11.40
CA GLU C 398 -1.40 -23.69 10.04
C GLU C 398 -2.51 -23.48 9.00
N ASN C 399 -3.76 -23.45 9.44
CA ASN C 399 -4.88 -23.46 8.51
C ASN C 399 -5.86 -22.31 8.63
N ILE C 400 -6.01 -21.77 9.83
CA ILE C 400 -6.98 -20.72 10.07
C ILE C 400 -6.46 -19.34 9.64
N LEU C 401 -7.32 -18.56 9.00
CA LEU C 401 -6.99 -17.18 8.66
C LEU C 401 -8.21 -16.30 8.79
N VAL C 402 -8.00 -15.03 9.12
CA VAL C 402 -9.08 -14.07 9.20
C VAL C 402 -8.83 -12.95 8.20
N LEU C 403 -9.85 -12.63 7.41
CA LEU C 403 -9.75 -11.60 6.39
C LEU C 403 -10.74 -10.48 6.64
N ASP C 404 -10.23 -9.25 6.72
CA ASP C 404 -11.09 -8.08 6.91
C ASP C 404 -10.99 -7.13 5.71
N ILE C 405 -12.11 -6.92 5.04
CA ILE C 405 -12.16 -6.02 3.90
C ILE C 405 -13.12 -4.86 4.16
N PHE C 406 -12.57 -3.66 4.19
CA PHE C 406 -13.34 -2.47 4.53
C PHE C 406 -12.79 -1.23 3.83
N PHE C 407 -13.44 -0.09 4.05
CA PHE C 407 -13.00 1.16 3.44
C PHE C 407 -12.56 2.17 4.49
N GLU C 408 -11.65 3.06 4.09
CA GLU C 408 -11.22 4.15 4.95
C GLU C 408 -12.24 5.30 4.90
N ALA C 409 -12.00 6.32 5.71
CA ALA C 409 -12.92 7.46 5.78
C ALA C 409 -13.11 8.09 4.40
N LEU C 410 -12.01 8.53 3.79
CA LEU C 410 -12.05 9.03 2.42
C LEU C 410 -12.15 7.83 1.48
N ASN C 411 -13.38 7.38 1.24
CA ASN C 411 -13.61 6.11 0.57
C ASN C 411 -13.84 6.20 -0.94
N TYR C 412 -13.92 7.42 -1.46
CA TYR C 412 -14.31 7.59 -2.85
C TYR C 412 -13.45 8.63 -3.59
N GLU C 413 -12.86 8.21 -4.69
CA GLU C 413 -12.07 9.11 -5.52
C GLU C 413 -12.51 9.03 -6.97
N THR C 414 -12.65 10.18 -7.61
CA THR C 414 -13.05 10.23 -9.01
C THR C 414 -11.98 10.90 -9.87
N ILE C 415 -11.69 10.27 -11.00
CA ILE C 415 -10.75 10.82 -11.96
C ILE C 415 -11.41 10.81 -13.33
N GLU C 416 -12.03 11.92 -13.70
CA GLU C 416 -12.84 11.98 -14.91
C GLU C 416 -12.27 12.91 -15.97
N GLN C 417 -12.18 12.41 -17.20
CA GLN C 417 -11.78 13.23 -18.34
C GLN C 417 -12.97 14.03 -18.84
N LYS C 418 -12.81 15.35 -18.89
CA LYS C 418 -13.87 16.22 -19.36
C LYS C 418 -13.42 17.01 -20.58
N LYS C 419 -14.35 17.19 -21.52
CA LYS C 419 -14.11 18.05 -22.68
C LYS C 419 -13.78 19.45 -22.18
N ALA C 420 -12.60 19.94 -22.54
CA ALA C 420 -12.10 21.20 -22.00
C ALA C 420 -12.64 22.42 -22.74
N TYR C 421 -13.01 22.23 -24.00
CA TYR C 421 -13.43 23.35 -24.84
C TYR C 421 -14.51 22.93 -25.83
N GLU C 422 -15.76 22.90 -25.35
CA GLU C 422 -16.89 22.46 -26.17
C GLU C 422 -17.35 23.56 -27.13
N VAL C 423 -18.27 23.20 -28.02
CA VAL C 423 -18.76 24.13 -29.02
C VAL C 423 -19.38 25.37 -28.40
N ALA C 424 -19.99 25.21 -27.24
CA ALA C 424 -20.63 26.31 -26.54
C ALA C 424 -19.61 27.32 -26.02
N GLY C 425 -18.49 26.82 -25.52
CA GLY C 425 -17.43 27.66 -25.01
C GLY C 425 -16.73 28.41 -26.14
N LEU C 426 -16.66 27.77 -27.30
CA LEU C 426 -16.05 28.39 -28.47
C LEU C 426 -16.84 29.63 -28.90
N LEU C 427 -18.15 29.46 -29.02
CA LEU C 427 -19.02 30.57 -29.38
C LEU C 427 -18.90 31.71 -28.37
N GLY C 428 -19.02 31.37 -27.09
CA GLY C 428 -18.95 32.35 -26.02
C GLY C 428 -17.70 33.20 -26.07
N ASP C 429 -16.63 32.65 -26.66
CA ASP C 429 -15.39 33.39 -26.83
C ASP C 429 -15.41 34.20 -28.12
N ILE C 430 -15.81 33.54 -29.21
CA ILE C 430 -15.95 34.22 -30.50
C ILE C 430 -17.01 35.31 -30.39
N GLY C 431 -17.97 35.10 -29.49
CA GLY C 431 -19.06 36.04 -29.30
C GLY C 431 -18.69 37.23 -28.44
N GLY C 432 -18.22 36.96 -27.23
CA GLY C 432 -17.83 38.02 -26.32
C GLY C 432 -16.75 38.91 -26.91
N GLN C 433 -16.02 38.39 -27.88
CA GLN C 433 -14.97 39.15 -28.55
C GLN C 433 -15.56 40.13 -29.58
N MET C 434 -16.65 39.73 -30.22
CA MET C 434 -17.33 40.59 -31.18
C MET C 434 -18.06 41.72 -30.46
N GLY C 435 -18.44 41.47 -29.21
CA GLY C 435 -19.07 42.48 -28.39
C GLY C 435 -18.09 43.57 -28.03
N LEU C 436 -16.81 43.32 -28.30
CA LEU C 436 -15.77 44.31 -28.06
C LEU C 436 -15.37 45.01 -29.36
N PHE C 437 -15.61 44.34 -30.49
CA PHE C 437 -15.34 44.93 -31.79
C PHE C 437 -16.49 45.83 -32.23
N ILE C 438 -17.69 45.48 -31.78
CA ILE C 438 -18.87 46.28 -32.09
C ILE C 438 -18.89 47.56 -31.26
N GLY C 439 -18.17 47.55 -30.14
CA GLY C 439 -18.02 48.74 -29.33
C GLY C 439 -16.91 49.61 -29.87
N ALA C 440 -15.79 48.98 -30.23
CA ALA C 440 -14.65 49.68 -30.80
C ALA C 440 -15.00 50.28 -32.16
N SER C 441 -16.11 49.82 -32.74
CA SER C 441 -16.57 50.34 -34.03
C SER C 441 -17.61 51.43 -33.81
N ILE C 442 -18.30 51.37 -32.67
CA ILE C 442 -19.28 52.39 -32.32
C ILE C 442 -18.60 53.68 -31.89
N LEU C 443 -17.53 53.55 -31.10
CA LEU C 443 -16.73 54.70 -30.72
C LEU C 443 -16.15 55.35 -31.97
N THR C 444 -15.73 54.52 -32.92
CA THR C 444 -15.23 55.01 -34.19
C THR C 444 -16.34 55.72 -34.96
N VAL C 445 -17.55 55.16 -34.87
CA VAL C 445 -18.72 55.74 -35.54
C VAL C 445 -19.02 57.13 -34.99
N LEU C 446 -18.85 57.29 -33.67
CA LEU C 446 -19.14 58.55 -33.01
C LEU C 446 -18.05 59.59 -33.28
C1 NAG D . -5.14 22.40 7.43
C2 NAG D . -4.62 23.83 7.30
C3 NAG D . -3.20 23.90 7.85
C4 NAG D . -3.13 23.31 9.24
C5 NAG D . -3.83 21.95 9.32
C6 NAG D . -3.88 21.47 10.76
C7 NAG D . -5.53 25.19 5.53
C8 NAG D . -4.97 26.40 4.83
N2 NAG D . -4.67 24.27 5.92
O3 NAG D . -2.80 25.26 7.88
O4 NAG D . -1.78 23.15 9.61
O5 NAG D . -5.14 22.03 8.79
O6 NAG D . -4.37 20.14 10.81
O7 NAG D . -6.75 25.11 5.73
C1 NAG D . -1.45 24.09 10.65
C2 NAG D . -0.29 23.61 11.49
C3 NAG D . 0.03 24.63 12.59
C4 NAG D . 0.24 26.00 11.96
C5 NAG D . -0.92 26.37 11.06
C6 NAG D . -0.63 27.68 10.33
C7 NAG D . 0.28 21.29 11.92
C8 NAG D . 0.68 20.96 10.51
N2 NAG D . -0.56 22.31 12.07
O3 NAG D . 1.20 24.22 13.27
O4 NAG D . 0.39 26.96 12.98
O5 NAG D . -1.17 25.37 10.09
O6 NAG D . 0.59 27.53 9.61
O7 NAG D . 0.74 20.66 12.87
C1 NAG E . 11.71 11.73 -17.94
C2 NAG E . 11.56 12.08 -19.41
C3 NAG E . 11.51 10.81 -20.24
C4 NAG E . 12.68 9.89 -19.91
C5 NAG E . 12.84 9.72 -18.40
C6 NAG E . 14.13 8.95 -18.09
C7 NAG E . 10.49 14.18 -19.96
C8 NAG E . 9.79 14.62 -21.20
N2 NAG E . 10.39 12.90 -19.63
O3 NAG E . 11.56 11.15 -21.61
O4 NAG E . 12.45 8.63 -20.49
O5 NAG E . 12.89 10.98 -17.76
O6 NAG E . 14.17 8.64 -16.71
O7 NAG E . 11.14 14.99 -19.29
C1 NAG E . 13.40 8.43 -21.56
C2 NAG E . 13.65 6.95 -21.83
C3 NAG E . 14.64 6.76 -22.96
C4 NAG E . 14.17 7.53 -24.19
C5 NAG E . 13.86 8.99 -23.83
C6 NAG E . 13.24 9.70 -25.03
C7 NAG E . 13.50 5.19 -20.17
C8 NAG E . 12.02 5.28 -19.94
N2 NAG E . 14.11 6.28 -20.62
O3 NAG E . 14.75 5.40 -23.27
O4 NAG E . 15.17 7.49 -25.17
O5 NAG E . 12.96 9.07 -22.74
O6 NAG E . 12.10 9.00 -25.44
O7 NAG E . 14.10 4.14 -19.95
C1 NAG F . 22.90 -33.16 -0.34
C2 NAG F . 24.15 -33.52 -1.15
C3 NAG F . 25.14 -34.30 -0.31
C4 NAG F . 25.36 -33.63 1.04
C5 NAG F . 24.02 -33.35 1.72
C6 NAG F . 24.22 -32.66 3.07
C7 NAG F . 24.14 -33.88 -3.54
C8 NAG F . 24.09 -34.92 -4.62
N2 NAG F . 23.79 -34.29 -2.32
O3 NAG F . 26.37 -34.38 -0.99
O4 NAG F . 26.13 -34.49 1.86
O5 NAG F . 23.23 -32.54 0.89
O6 NAG F . 22.98 -32.48 3.70
O7 NAG F . 24.49 -32.73 -3.80
C1 NAG F . 27.22 -34.44 2.81
C2 NAG F . 27.66 -35.53 3.78
C3 NAG F . 29.11 -35.31 4.18
C4 NAG F . 29.98 -35.16 2.94
C5 NAG F . 29.41 -34.12 1.98
C6 NAG F . 30.21 -34.08 0.69
C7 NAG F . 25.79 -36.40 5.06
C8 NAG F . 24.84 -36.17 6.20
N2 NAG F . 26.79 -35.53 4.94
O3 NAG F . 29.56 -36.41 4.95
O4 NAG F . 31.28 -34.77 3.34
O5 NAG F . 28.07 -34.43 1.68
O6 NAG F . 29.99 -35.27 -0.03
O7 NAG F . 25.63 -37.34 4.29
C1 NAG G . 16.00 -13.55 34.07
C2 NAG G . 16.17 -12.88 35.42
C3 NAG G . 15.96 -13.86 36.57
C4 NAG G . 14.68 -14.66 36.37
C5 NAG G . 14.65 -15.28 34.97
C6 NAG G . 13.36 -16.04 34.75
C7 NAG G . 17.66 -11.01 35.80
C8 NAG G . 19.03 -10.61 36.28
N2 NAG G . 17.49 -12.30 35.53
O3 NAG G . 15.89 -13.15 37.79
O4 NAG G . 14.61 -15.69 37.34
O5 NAG G . 14.77 -14.26 34.00
O6 NAG G . 13.40 -16.66 33.47
O7 NAG G . 16.78 -10.17 35.68
CL CL H . -19.79 5.98 14.62
CL CL I . 21.80 11.88 2.73
C1 NAG J . -19.46 3.74 -14.68
C2 NAG J . -20.70 4.63 -14.78
C3 NAG J . -21.60 4.36 -13.57
C4 NAG J . -21.87 2.87 -13.41
C5 NAG J . -20.59 2.05 -13.50
C6 NAG J . -20.91 0.56 -13.51
C7 NAG J . -20.51 6.71 -15.97
C8 NAG J . -21.31 7.98 -15.87
N2 NAG J . -20.33 6.02 -14.85
O3 NAG J . -22.82 5.05 -13.75
O4 NAG J . -22.47 2.65 -12.15
O5 NAG J . -19.86 2.39 -14.67
O6 NAG J . -19.72 -0.18 -13.42
O7 NAG J . -20.06 6.34 -17.05
C1 NAG K . -13.53 -34.35 16.34
C2 NAG K . -14.80 -35.17 16.09
C3 NAG K . -14.53 -36.66 16.17
C4 NAG K . -13.30 -37.04 15.35
C5 NAG K . -12.13 -36.15 15.72
C6 NAG K . -10.89 -36.49 14.88
C7 NAG K . -17.01 -34.38 16.65
C8 NAG K . -18.11 -34.43 17.68
N2 NAG K . -15.82 -34.80 17.05
O3 NAG K . -15.66 -37.37 15.70
O4 NAG K . -12.96 -38.38 15.61
O5 NAG K . -12.47 -34.79 15.52
O6 NAG K . -9.80 -35.70 15.30
O7 NAG K . -17.24 -33.97 15.52
CL CL L . -4.59 -12.36 -22.18
#